data_8DV4
#
_entry.id   8DV4
#
_cell.length_a   73.088
_cell.length_b   65.430
_cell.length_c   101.581
_cell.angle_alpha   90.00
_cell.angle_beta   102.26
_cell.angle_gamma   90.00
#
_symmetry.space_group_name_H-M   'P 1 21 1'
#
loop_
_entity.id
_entity.type
_entity.pdbx_description
1 polymer 'T-cell surface glycoprotein CD1b'
2 polymer Beta-2-microglobulin
3 polymer 'T-cell receptor alpha variable TRAV9-2'
4 polymer 'T-cell receptor beta variable TRBV6-2'
5 branched beta-D-mannopyranose-(1-4)-2-acetamido-2-deoxy-beta-D-glucopyranose-(1-4)-2-acetamido-2-deoxy-beta-D-glucopyranose
6 branched alpha-D-mannopyranose-(1-3)-beta-D-mannopyranose-(1-4)-2-acetamido-2-deoxy-beta-D-glucopyranose-(1-4)-2-acetamido-2-deoxy-beta-D-glucopyranose
7 non-polymer 1,2-ETHANEDIOL
8 non-polymer GLYCEROL
9 non-polymer alpha-D-mannopyranose
10 non-polymer 2-acetamido-2-deoxy-beta-D-glucopyranose
11 non-polymer 'tetracosyl octadecanoate'
12 non-polymer 'CHLORIDE ION'
13 non-polymer 'SODIUM ION'
14 non-polymer 1-palmitoyl-2-oleoyl-sn-glycero-3-phosphoinositol
15 water water
#
loop_
_entity_poly.entity_id
_entity_poly.type
_entity_poly.pdbx_seq_one_letter_code
_entity_poly.pdbx_strand_id
1 'polypeptide(L)'
;HAFQGPTSFHVIQTSSFTNSTWAQTQGSGWLDDLQIHGWDSDSGTAIFLKPWSKGNFSDKEVAELEEIFRVYIFGFAREV
QDFAGDFQMKYPFEIQGIAGCELHSGGAIVSFLRGALGGLDFLSVKNASCVPSPEGGSRAQKFCALIIQYQGIMETVRIL
LYETCPRYLLGVLNAGKADLQRQVKPEAWLSSGPSPGPGRLQLVCHVSGFYPKPVWVMWMRGEQEQQGTQLGDILPNANW
TWYLRATLDVADGEAAGLSCRVKHSSLEGQDIILYWRGSGLNDIFEAQKIEWHEHHHHHH
;
A
2 'polypeptide(L)'
;IQRTPKIQVYSRHPAENGKSNFLNCYVSGFHPSDIEVDLLKNGERIEKVEHSDLSFSKDWSFYLLYYTEFTPTEKDEYAC
RVNHVTLSQPKIVKWDRDM
;
B
3 'polypeptide(L)'
;GNSVTQMEGPVTLSEEAFLTINCTYTATGYPSLFWYVQYPGEGLQLLLKATKADDKGSNKGFEATYRKETTSFHLEKGSV
QVSDSAVYFCALTPSGGYQKVTFGTGTKLQVIPNIQNPDPAVYQLRDSKSSDKSVCLFTDFDSQTNVSQSKDSDVYITDK
CVLDMRSMDFKSNSAVAWSNKSDFACANAFNNSIIPEDTFFPSPESS
;
D
4 'polypeptide(L)'
;NAGVTQTPKFRVLKTGQSMTLLCAQDMNHEYMYWYRQDPGMGLRLIHYSVGEGTTAKGEVPDGYNVSRLKKQNFLLGLES
AAPSQTSVYFCASSMPGLRSSYEQYFGPGTRLTVTEDLKNVFPPEVAVFEPSEAEISHTQKATLVCLATGFYPDHVELSW
WVNGKEVHSGVCTDPQPLKEQPALNDSRYALSSRLRVSATFWQNPRNHFRCQVQFYGLSENDEWTQDRAKPVTQIVSAEA
WGRAD
;
E
#
# COMPACT_ATOMS: atom_id res chain seq x y z
N GLY A 5 -6.87 24.75 31.64
CA GLY A 5 -7.64 24.48 30.44
C GLY A 5 -8.57 23.29 30.59
N PRO A 6 -9.51 23.13 29.65
CA PRO A 6 -10.41 21.96 29.69
C PRO A 6 -9.64 20.70 29.37
N THR A 7 -10.13 19.58 29.90
CA THR A 7 -9.45 18.31 29.68
C THR A 7 -9.49 17.94 28.20
N SER A 8 -8.38 17.42 27.69
CA SER A 8 -8.29 17.25 26.25
C SER A 8 -7.37 16.09 25.93
N PHE A 9 -7.77 15.29 24.96
CA PHE A 9 -6.87 14.35 24.32
C PHE A 9 -6.58 14.83 22.90
N HIS A 10 -5.34 14.66 22.46
CA HIS A 10 -4.99 15.08 21.11
C HIS A 10 -3.70 14.40 20.69
N VAL A 11 -3.56 14.23 19.39
CA VAL A 11 -2.33 13.75 18.78
C VAL A 11 -1.69 14.93 18.09
N ILE A 12 -0.37 14.92 18.00
CA ILE A 12 0.35 15.99 17.32
C ILE A 12 1.30 15.39 16.31
N GLN A 13 1.69 16.22 15.36
CA GLN A 13 2.63 15.85 14.31
C GLN A 13 3.56 17.01 14.06
N THR A 14 4.85 16.71 13.93
CA THR A 14 5.85 17.64 13.43
C THR A 14 6.54 17.03 12.22
N SER A 15 6.47 17.72 11.08
CA SER A 15 7.01 17.23 9.82
C SER A 15 8.03 18.23 9.27
N SER A 16 9.22 17.73 8.97
CA SER A 16 10.33 18.53 8.46
C SER A 16 10.58 18.15 7.01
N PHE A 17 10.47 19.11 6.10
CA PHE A 17 10.73 18.86 4.67
C PHE A 17 12.02 19.58 4.29
N THR A 18 13.14 18.84 4.32
CA THR A 18 14.48 19.39 4.10
C THR A 18 14.76 19.65 2.62
N ASN A 19 14.69 18.60 1.82
CA ASN A 19 14.79 18.67 0.37
C ASN A 19 13.69 17.77 -0.18
N SER A 20 13.48 17.80 -1.49
CA SER A 20 12.47 16.91 -2.06
C SER A 20 12.85 15.44 -1.91
N THR A 21 14.07 15.15 -1.49
CA THR A 21 14.48 13.78 -1.24
C THR A 21 14.14 13.30 0.16
N TRP A 22 14.06 14.23 1.13
CA TRP A 22 14.10 13.88 2.54
C TRP A 22 12.96 14.57 3.31
N ALA A 23 12.32 13.80 4.17
CA ALA A 23 11.33 14.33 5.11
C ALA A 23 11.31 13.45 6.34
N GLN A 24 10.73 13.98 7.41
CA GLN A 24 10.74 13.28 8.69
C GLN A 24 9.52 13.74 9.48
N THR A 25 8.86 12.81 10.17
CA THR A 25 7.69 13.15 10.97
C THR A 25 7.82 12.57 12.37
N GLN A 26 7.29 13.31 13.34
CA GLN A 26 7.23 12.91 14.74
C GLN A 26 5.79 13.03 15.21
N GLY A 27 5.34 12.06 16.01
CA GLY A 27 3.97 12.05 16.44
C GLY A 27 3.86 11.54 17.88
N SER A 28 2.76 11.93 18.51
CA SER A 28 2.52 11.52 19.88
C SER A 28 1.09 11.90 20.23
N GLY A 29 0.60 11.30 21.32
CA GLY A 29 -0.72 11.62 21.82
C GLY A 29 -0.68 11.97 23.28
N TRP A 30 -1.60 12.83 23.67
CA TRP A 30 -1.48 13.59 24.90
C TRP A 30 -2.82 13.74 25.58
N LEU A 31 -2.83 13.54 26.90
CA LEU A 31 -3.88 14.07 27.76
C LEU A 31 -3.37 15.37 28.35
N ASP A 32 -3.92 16.49 27.90
CA ASP A 32 -3.39 17.79 28.28
C ASP A 32 -1.87 17.78 28.12
N ASP A 33 -1.15 17.95 29.23
CA ASP A 33 0.30 17.97 29.27
C ASP A 33 0.93 16.59 29.37
N LEU A 34 0.16 15.55 29.60
CA LEU A 34 0.69 14.24 29.93
C LEU A 34 0.68 13.36 28.68
N GLN A 35 1.85 12.92 28.25
CA GLN A 35 1.97 12.09 27.05
C GLN A 35 1.55 10.67 27.35
N ILE A 36 0.74 10.07 26.46
CA ILE A 36 0.27 8.71 26.65
C ILE A 36 0.51 7.84 25.41
N HIS A 37 0.78 8.46 24.27
CA HIS A 37 1.16 7.72 23.06
C HIS A 37 2.45 8.27 22.50
N GLY A 38 3.37 7.36 22.18
CA GLY A 38 4.47 7.65 21.29
C GLY A 38 4.24 7.03 19.91
N TRP A 39 5.12 7.36 18.98
CA TRP A 39 5.06 6.79 17.64
C TRP A 39 6.45 6.36 17.20
N ASP A 40 6.60 5.08 16.88
CA ASP A 40 7.87 4.56 16.35
C ASP A 40 7.86 4.79 14.84
N SER A 41 8.45 5.89 14.40
CA SER A 41 8.49 6.20 12.98
C SER A 41 9.18 5.08 12.20
N ASP A 42 10.34 4.62 12.70
CA ASP A 42 11.15 3.65 11.97
C ASP A 42 10.41 2.34 11.68
N SER A 43 9.35 2.05 12.45
CA SER A 43 8.56 0.83 12.26
C SER A 43 7.07 1.09 12.13
N GLY A 44 6.65 2.35 12.03
CA GLY A 44 5.24 2.65 11.78
C GLY A 44 4.24 2.06 12.76
N THR A 45 4.62 1.94 14.03
CA THR A 45 3.73 1.42 15.07
C THR A 45 3.60 2.42 16.22
N ALA A 46 2.53 2.28 16.98
CA ALA A 46 2.28 3.16 18.12
C ALA A 46 2.99 2.64 19.36
N ILE A 47 3.25 3.55 20.29
CA ILE A 47 3.89 3.24 21.56
C ILE A 47 2.95 3.68 22.67
N PHE A 48 2.54 2.73 23.51
CA PHE A 48 1.61 3.02 24.61
C PHE A 48 2.42 3.18 25.89
N LEU A 49 2.50 4.41 26.41
CA LEU A 49 3.32 4.66 27.58
C LEU A 49 2.59 4.37 28.89
N LYS A 50 1.26 4.29 28.86
CA LYS A 50 0.63 3.89 30.11
C LYS A 50 -0.10 2.56 29.93
N PRO A 51 -0.28 1.78 31.00
CA PRO A 51 -1.05 0.52 30.87
C PRO A 51 -2.44 0.75 30.34
N TRP A 52 -3.02 1.93 30.58
CA TRP A 52 -4.37 2.28 30.15
C TRP A 52 -4.36 3.15 28.89
N SER A 53 -3.26 3.16 28.12
CA SER A 53 -3.18 4.06 26.98
C SER A 53 -4.17 3.71 25.86
N LYS A 54 -4.67 2.46 25.81
CA LYS A 54 -5.69 2.12 24.81
C LYS A 54 -7.09 2.52 25.24
N GLY A 55 -7.26 3.08 26.42
CA GLY A 55 -8.59 3.48 26.84
C GLY A 55 -9.45 2.27 27.14
N ASN A 56 -10.74 2.36 26.78
CA ASN A 56 -11.63 1.20 26.77
C ASN A 56 -11.80 0.63 25.36
N PHE A 57 -10.85 0.92 24.47
CA PHE A 57 -10.94 0.47 23.09
C PHE A 57 -10.43 -0.95 22.95
N SER A 58 -11.03 -1.69 22.03
CA SER A 58 -10.58 -3.06 21.82
C SER A 58 -9.26 -3.09 21.05
N ASP A 59 -8.52 -4.19 21.21
CA ASP A 59 -7.32 -4.39 20.41
C ASP A 59 -7.63 -4.38 18.92
N LYS A 60 -8.88 -4.67 18.55
CA LYS A 60 -9.30 -4.54 17.17
C LYS A 60 -9.35 -3.09 16.76
N GLU A 61 -10.04 -2.24 17.53
CA GLU A 61 -10.14 -0.84 17.14
C GLU A 61 -8.78 -0.18 17.17
N VAL A 62 -7.98 -0.48 18.17
CA VAL A 62 -6.65 0.12 18.31
C VAL A 62 -5.80 -0.18 17.08
N ALA A 63 -5.85 -1.43 16.60
CA ALA A 63 -5.09 -1.83 15.42
C ALA A 63 -5.59 -1.10 14.17
N GLU A 64 -6.91 -0.88 14.09
CA GLU A 64 -7.46 -0.09 13.00
C GLU A 64 -6.98 1.36 13.05
N LEU A 65 -7.03 2.00 14.23
CA LEU A 65 -6.56 3.37 14.35
C LEU A 65 -5.07 3.45 14.07
N GLU A 66 -4.31 2.48 14.54
CA GLU A 66 -2.89 2.43 14.26
C GLU A 66 -2.62 2.37 12.76
N GLU A 67 -3.43 1.63 12.01
CA GLU A 67 -3.20 1.49 10.57
C GLU A 67 -3.57 2.76 9.82
N ILE A 68 -4.64 3.44 10.22
CA ILE A 68 -4.99 4.74 9.64
C ILE A 68 -3.85 5.75 9.85
N PHE A 69 -3.28 5.81 11.06
CA PHE A 69 -2.22 6.78 11.32
C PHE A 69 -0.95 6.42 10.55
N ARG A 70 -0.62 5.13 10.49
CA ARG A 70 0.54 4.70 9.71
C ARG A 70 0.39 5.08 8.24
N VAL A 71 -0.74 4.74 7.64
CA VAL A 71 -1.00 5.13 6.26
C VAL A 71 -0.99 6.65 6.12
N TYR A 72 -1.52 7.37 7.08
CA TYR A 72 -1.56 8.82 6.95
C TYR A 72 -0.14 9.38 6.96
N ILE A 73 0.70 8.95 7.90
CA ILE A 73 2.06 9.46 8.01
C ILE A 73 2.85 9.13 6.76
N PHE A 74 2.82 7.85 6.36
CA PHE A 74 3.42 7.44 5.09
C PHE A 74 2.93 8.33 3.96
N GLY A 75 1.61 8.50 3.85
CA GLY A 75 1.05 9.24 2.73
C GLY A 75 1.28 10.73 2.80
N PHE A 76 1.32 11.29 4.01
CA PHE A 76 1.33 12.74 4.15
C PHE A 76 2.60 13.33 3.55
N ALA A 77 3.76 12.78 3.90
CA ALA A 77 5.01 13.27 3.34
C ALA A 77 5.03 13.16 1.82
N ARG A 78 4.61 12.00 1.27
CA ARG A 78 4.61 11.83 -0.17
C ARG A 78 3.69 12.84 -0.85
N GLU A 79 2.50 13.04 -0.29
CA GLU A 79 1.59 13.99 -0.91
C GLU A 79 2.11 15.42 -0.84
N VAL A 80 2.90 15.75 0.20
CA VAL A 80 3.45 17.09 0.27
C VAL A 80 4.57 17.26 -0.76
N GLN A 81 5.50 16.30 -0.82
CA GLN A 81 6.49 16.28 -1.92
C GLN A 81 5.82 16.43 -3.27
N ASP A 82 4.72 15.71 -3.50
CA ASP A 82 4.05 15.75 -4.80
C ASP A 82 3.53 17.14 -5.10
N PHE A 83 2.79 17.73 -4.16
CA PHE A 83 2.16 19.03 -4.40
C PHE A 83 3.08 20.21 -4.13
N ALA A 84 4.32 19.99 -3.73
CA ALA A 84 5.18 21.10 -3.34
C ALA A 84 5.31 22.09 -4.49
N GLY A 85 5.62 21.60 -5.70
CA GLY A 85 5.80 22.48 -6.83
C GLY A 85 4.59 23.35 -7.12
N ASP A 86 3.41 22.72 -7.22
CA ASP A 86 2.19 23.47 -7.51
C ASP A 86 1.82 24.44 -6.40
N PHE A 87 2.34 24.24 -5.20
CA PHE A 87 2.18 25.21 -4.13
C PHE A 87 3.37 26.17 -4.05
N GLN A 88 4.40 25.96 -4.87
CA GLN A 88 5.57 26.84 -4.93
C GLN A 88 6.28 26.93 -3.58
N MET A 89 6.53 25.75 -3.00
CA MET A 89 7.21 25.66 -1.72
C MET A 89 8.70 25.57 -1.95
N LYS A 90 9.45 26.40 -1.23
CA LYS A 90 10.90 26.31 -1.22
C LYS A 90 11.33 25.50 -0.01
N TYR A 91 12.17 24.49 -0.25
CA TYR A 91 12.81 23.75 0.81
C TYR A 91 13.91 24.58 1.47
N PRO A 92 14.17 24.36 2.75
CA PRO A 92 13.41 23.47 3.64
C PRO A 92 12.21 24.22 4.24
N PHE A 93 11.20 23.48 4.67
CA PHE A 93 10.06 24.05 5.38
C PHE A 93 9.57 22.98 6.34
N GLU A 94 8.64 23.36 7.20
CA GLU A 94 8.16 22.40 8.20
C GLU A 94 6.70 22.66 8.49
N ILE A 95 6.06 21.62 9.01
CA ILE A 95 4.62 21.59 9.20
C ILE A 95 4.32 20.97 10.55
N GLN A 96 3.29 21.48 11.24
CA GLN A 96 2.83 20.90 12.49
C GLN A 96 1.33 20.75 12.47
N GLY A 97 0.86 19.72 13.17
CA GLY A 97 -0.55 19.47 13.26
C GLY A 97 -0.93 19.01 14.65
N ILE A 98 -2.12 19.41 15.06
CA ILE A 98 -2.72 18.90 16.27
C ILE A 98 -4.20 18.65 15.99
N ALA A 99 -4.68 17.47 16.37
CA ALA A 99 -6.08 17.15 16.24
C ALA A 99 -6.53 16.42 17.49
N GLY A 100 -7.77 16.65 17.91
CA GLY A 100 -8.30 15.98 19.07
C GLY A 100 -9.65 16.54 19.49
N CYS A 101 -9.98 16.35 20.76
CA CYS A 101 -11.25 16.81 21.29
C CYS A 101 -11.08 17.07 22.77
N GLU A 102 -11.84 18.03 23.25
CA GLU A 102 -11.75 18.45 24.64
C GLU A 102 -13.12 18.44 25.29
N LEU A 103 -13.16 17.98 26.52
CA LEU A 103 -14.36 17.97 27.34
C LEU A 103 -14.57 19.33 27.98
N HIS A 104 -15.70 19.97 27.68
CA HIS A 104 -16.03 21.29 28.20
C HIS A 104 -17.05 21.23 29.32
N SER A 105 -16.96 22.20 30.25
CA SER A 105 -17.94 22.34 31.32
C SER A 105 -19.34 22.45 30.74
N GLY A 106 -20.21 21.55 31.14
CA GLY A 106 -21.53 21.43 30.57
C GLY A 106 -21.76 20.15 29.82
N GLY A 107 -20.73 19.29 29.71
CA GLY A 107 -20.86 17.97 29.14
C GLY A 107 -20.54 17.87 27.66
N ALA A 108 -20.61 18.97 26.92
CA ALA A 108 -20.39 18.94 25.49
C ALA A 108 -18.90 18.78 25.18
N ILE A 109 -18.59 17.82 24.30
CA ILE A 109 -17.23 17.57 23.84
C ILE A 109 -17.04 18.25 22.49
N VAL A 110 -16.00 19.07 22.38
CA VAL A 110 -15.72 19.90 21.22
C VAL A 110 -14.45 19.39 20.54
N SER A 111 -14.53 19.12 19.26
CA SER A 111 -13.42 18.59 18.51
C SER A 111 -12.72 19.72 17.77
N PHE A 112 -11.44 19.50 17.46
CA PHE A 112 -10.63 20.51 16.83
C PHE A 112 -9.53 19.86 16.00
N LEU A 113 -9.02 20.64 15.06
CA LEU A 113 -7.90 20.25 14.21
C LEU A 113 -7.27 21.55 13.71
N ARG A 114 -5.95 21.66 13.86
CA ARG A 114 -5.22 22.85 13.51
C ARG A 114 -3.91 22.46 12.88
N GLY A 115 -3.53 23.18 11.82
CA GLY A 115 -2.27 22.94 11.16
C GLY A 115 -1.51 24.24 11.01
N ALA A 116 -0.19 24.11 10.98
CA ALA A 116 0.74 25.23 10.85
C ALA A 116 1.78 24.93 9.78
N LEU A 117 2.31 26.01 9.21
CA LEU A 117 3.40 25.98 8.24
C LEU A 117 4.46 26.95 8.75
N GLY A 118 5.66 26.44 9.00
CA GLY A 118 6.70 27.28 9.57
C GLY A 118 6.33 27.91 10.89
N GLY A 119 5.62 27.17 11.75
CA GLY A 119 5.26 27.66 13.07
C GLY A 119 4.18 28.71 13.08
N LEU A 120 3.55 28.99 11.94
CA LEU A 120 2.54 30.02 11.78
C LEU A 120 1.21 29.38 11.44
N ASP A 121 0.12 29.94 11.97
CA ASP A 121 -1.21 29.41 11.66
C ASP A 121 -1.40 29.23 10.17
N PHE A 122 -1.94 28.09 9.80
CA PHE A 122 -2.19 27.81 8.40
C PHE A 122 -3.66 27.45 8.18
N LEU A 123 -4.18 26.49 8.94
CA LEU A 123 -5.59 26.15 8.81
C LEU A 123 -6.12 25.66 10.14
N SER A 124 -7.46 25.65 10.26
CA SER A 124 -8.13 24.98 11.35
C SER A 124 -9.47 24.44 10.85
N VAL A 125 -10.05 23.53 11.62
CA VAL A 125 -11.31 22.89 11.28
C VAL A 125 -12.46 23.51 12.09
N LYS A 126 -13.56 23.80 11.41
CA LYS A 126 -14.81 24.24 12.04
C LYS A 126 -16.00 23.75 11.22
N ASN A 127 -17.08 23.38 11.92
CA ASN A 127 -18.26 22.75 11.33
C ASN A 127 -17.88 21.60 10.39
N ALA A 128 -16.82 20.87 10.74
CA ALA A 128 -16.30 19.77 9.93
C ALA A 128 -15.93 20.23 8.51
N SER A 129 -15.44 21.46 8.36
CA SER A 129 -14.92 21.93 7.08
C SER A 129 -13.54 22.55 7.28
N CYS A 130 -12.77 22.62 6.20
CA CYS A 130 -11.44 23.22 6.25
C CYS A 130 -11.56 24.75 6.28
N VAL A 131 -10.85 25.39 7.20
CA VAL A 131 -10.95 26.84 7.32
C VAL A 131 -9.58 27.48 7.28
N PRO A 132 -9.24 28.19 6.20
CA PRO A 132 -7.87 28.72 6.07
C PRO A 132 -7.62 29.85 7.03
N SER A 133 -6.45 29.83 7.63
CA SER A 133 -6.15 30.90 8.55
C SER A 133 -5.62 32.12 7.78
N PRO A 134 -6.03 33.33 8.16
CA PRO A 134 -5.50 34.51 7.47
C PRO A 134 -3.99 34.48 7.36
N GLU A 135 -3.30 33.99 8.40
CA GLU A 135 -1.85 33.91 8.36
C GLU A 135 -1.33 32.89 7.35
N GLY A 136 -2.17 31.94 6.90
CA GLY A 136 -1.72 30.95 5.93
C GLY A 136 -1.67 31.46 4.50
N GLY A 137 -2.35 32.56 4.21
CA GLY A 137 -2.17 33.25 2.95
C GLY A 137 -2.85 32.57 1.78
N SER A 138 -2.28 32.80 0.59
CA SER A 138 -2.81 32.19 -0.63
C SER A 138 -2.77 30.66 -0.53
N ARG A 139 -1.68 30.12 0.03
CA ARG A 139 -1.52 28.67 0.13
C ARG A 139 -2.60 28.04 0.99
N ALA A 140 -3.02 28.75 2.05
CA ALA A 140 -4.04 28.19 2.93
C ALA A 140 -5.39 28.10 2.23
N GLN A 141 -5.77 29.15 1.50
CA GLN A 141 -7.04 29.10 0.77
C GLN A 141 -6.99 28.07 -0.35
N LYS A 142 -5.84 27.96 -1.02
CA LYS A 142 -5.67 26.94 -2.05
C LYS A 142 -5.75 25.53 -1.45
N PHE A 143 -5.17 25.35 -0.27
CA PHE A 143 -5.16 24.03 0.36
C PHE A 143 -6.57 23.61 0.77
N CYS A 144 -7.34 24.50 1.39
CA CYS A 144 -8.66 24.09 1.87
C CYS A 144 -9.60 23.81 0.70
N ALA A 145 -9.58 24.63 -0.35
CA ALA A 145 -10.42 24.38 -1.51
C ALA A 145 -10.00 23.11 -2.25
N LEU A 146 -8.74 22.69 -2.10
CA LEU A 146 -8.26 21.46 -2.72
C LEU A 146 -8.63 20.23 -1.92
N ILE A 147 -8.37 20.24 -0.60
CA ILE A 147 -8.60 19.06 0.24
C ILE A 147 -10.07 18.68 0.26
N ILE A 148 -10.96 19.66 0.10
CA ILE A 148 -12.38 19.41 0.18
C ILE A 148 -12.83 18.46 -0.91
N GLN A 149 -12.06 18.37 -2.01
CA GLN A 149 -12.39 17.48 -3.11
C GLN A 149 -12.06 16.01 -2.81
N TYR A 150 -11.19 15.73 -1.85
CA TYR A 150 -10.83 14.33 -1.58
C TYR A 150 -11.73 13.80 -0.47
N GLN A 151 -12.89 13.29 -0.87
CA GLN A 151 -13.94 13.03 0.10
C GLN A 151 -13.60 11.89 1.04
N GLY A 152 -12.72 10.98 0.65
CA GLY A 152 -12.28 9.94 1.57
C GLY A 152 -11.46 10.49 2.73
N ILE A 153 -10.52 11.39 2.42
CA ILE A 153 -9.76 12.06 3.49
C ILE A 153 -10.72 12.82 4.39
N MET A 154 -11.64 13.57 3.78
CA MET A 154 -12.60 14.34 4.56
C MET A 154 -13.48 13.42 5.40
N GLU A 155 -13.87 12.28 4.84
CA GLU A 155 -14.71 11.34 5.59
C GLU A 155 -13.98 10.81 6.82
N THR A 156 -12.73 10.38 6.65
CA THR A 156 -11.98 9.82 7.77
C THR A 156 -11.72 10.85 8.85
N VAL A 157 -11.32 12.07 8.45
CA VAL A 157 -11.12 13.14 9.43
C VAL A 157 -12.42 13.40 10.19
N ARG A 158 -13.52 13.53 9.47
CA ARG A 158 -14.83 13.78 10.07
C ARG A 158 -15.19 12.69 11.09
N ILE A 159 -14.91 11.44 10.77
CA ILE A 159 -15.25 10.35 11.68
C ILE A 159 -14.35 10.36 12.91
N LEU A 160 -13.04 10.54 12.70
CA LEU A 160 -12.10 10.49 13.81
C LEU A 160 -12.32 11.65 14.76
N LEU A 161 -12.60 12.84 14.24
CA LEU A 161 -12.81 14.00 15.09
C LEU A 161 -14.09 13.88 15.91
N TYR A 162 -15.18 13.43 15.28
CA TYR A 162 -16.49 13.57 15.86
C TYR A 162 -17.10 12.27 16.36
N GLU A 163 -16.66 11.14 15.84
CA GLU A 163 -17.13 9.85 16.31
C GLU A 163 -16.12 9.21 17.25
N THR A 164 -14.88 9.00 16.78
CA THR A 164 -13.91 8.24 17.57
C THR A 164 -13.41 9.04 18.76
N CYS A 165 -13.11 10.32 18.57
CA CYS A 165 -12.42 11.07 19.62
C CYS A 165 -13.27 11.22 20.86
N PRO A 166 -14.52 11.71 20.80
CA PRO A 166 -15.29 11.87 22.03
C PRO A 166 -15.43 10.56 22.79
N ARG A 167 -15.65 9.45 22.08
CA ARG A 167 -15.71 8.16 22.75
C ARG A 167 -14.39 7.83 23.42
N TYR A 168 -13.28 8.02 22.69
CA TYR A 168 -11.98 7.64 23.25
C TYR A 168 -11.62 8.49 24.46
N LEU A 169 -12.00 9.77 24.46
CA LEU A 169 -11.63 10.66 25.57
C LEU A 169 -12.29 10.20 26.87
N LEU A 170 -13.61 10.02 26.86
CA LEU A 170 -14.29 9.48 28.04
C LEU A 170 -13.74 8.13 28.44
N GLY A 171 -13.62 7.21 27.47
CA GLY A 171 -12.99 5.93 27.76
C GLY A 171 -11.67 6.08 28.49
N VAL A 172 -10.79 6.96 28.02
CA VAL A 172 -9.44 6.97 28.57
C VAL A 172 -9.39 7.74 29.89
N LEU A 173 -10.19 8.80 30.04
CA LEU A 173 -10.32 9.49 31.31
C LEU A 173 -10.66 8.51 32.41
N ASN A 174 -11.61 7.63 32.16
CA ASN A 174 -11.99 6.63 33.14
C ASN A 174 -10.90 5.57 33.29
N ALA A 175 -10.39 5.07 32.17
CA ALA A 175 -9.44 3.97 32.20
C ALA A 175 -8.23 4.31 33.04
N GLY A 176 -7.78 5.58 32.98
CA GLY A 176 -6.62 6.03 33.74
C GLY A 176 -6.90 6.85 34.98
N LYS A 177 -8.06 6.68 35.62
CA LYS A 177 -8.41 7.52 36.76
C LYS A 177 -7.45 7.33 37.92
N ALA A 178 -6.91 6.12 38.11
CA ALA A 178 -5.93 5.89 39.16
C ALA A 178 -4.72 6.80 39.02
N ASP A 179 -4.25 7.04 37.80
CA ASP A 179 -3.17 7.99 37.59
C ASP A 179 -3.66 9.42 37.43
N LEU A 180 -4.79 9.62 36.73
CA LEU A 180 -5.26 10.97 36.44
C LEU A 180 -5.88 11.64 37.66
N GLN A 181 -6.52 10.86 38.53
CA GLN A 181 -7.23 11.40 39.67
C GLN A 181 -6.47 10.97 40.93
N ARG A 182 -5.51 11.79 41.31
CA ARG A 182 -4.71 11.56 42.50
C ARG A 182 -4.22 12.89 43.01
N GLN A 183 -3.84 12.91 44.28
CA GLN A 183 -3.33 14.12 44.91
C GLN A 183 -1.92 13.82 45.40
N VAL A 184 -0.95 14.63 44.94
CA VAL A 184 0.44 14.49 45.32
C VAL A 184 0.90 15.77 46.01
N LYS A 185 1.36 15.65 47.24
CA LYS A 185 1.80 16.79 48.06
C LYS A 185 3.14 17.29 47.58
N PRO A 186 3.34 18.60 47.54
CA PRO A 186 4.65 19.13 47.18
C PRO A 186 5.59 19.16 48.39
N GLU A 187 6.87 19.11 48.10
CA GLU A 187 7.83 19.59 49.08
C GLU A 187 8.16 21.02 48.69
N ALA A 188 8.60 21.82 49.66
CA ALA A 188 9.00 23.18 49.35
C ALA A 188 10.26 23.51 50.14
N TRP A 189 11.10 24.36 49.56
CA TRP A 189 12.30 24.77 50.27
C TRP A 189 12.70 26.18 49.85
N LEU A 190 13.39 26.87 50.75
CA LEU A 190 13.85 28.23 50.54
C LEU A 190 15.31 28.28 50.14
N SER A 191 15.67 29.35 49.42
CA SER A 191 17.06 29.57 49.03
C SER A 191 17.21 31.05 48.68
N SER A 192 18.48 31.49 48.64
CA SER A 192 18.85 32.84 48.25
C SER A 192 19.36 32.84 46.81
N GLY A 193 18.85 33.76 46.01
CA GLY A 193 19.26 33.87 44.63
C GLY A 193 20.39 34.86 44.42
N PRO A 194 20.63 35.22 43.15
CA PRO A 194 21.60 36.28 42.85
C PRO A 194 21.02 37.64 43.23
N SER A 195 21.76 38.36 44.07
CA SER A 195 21.26 39.62 44.60
C SER A 195 20.95 40.59 43.47
N PRO A 196 19.80 41.28 43.51
CA PRO A 196 19.50 42.23 42.44
C PRO A 196 20.41 43.45 42.44
N GLY A 197 20.84 43.92 43.61
CA GLY A 197 21.77 45.02 43.73
C GLY A 197 22.57 44.90 45.01
N PRO A 198 22.97 46.04 45.59
CA PRO A 198 23.65 46.00 46.90
C PRO A 198 22.65 46.25 48.03
N GLY A 199 22.80 45.54 49.15
CA GLY A 199 21.82 45.61 50.22
C GLY A 199 20.54 44.87 49.89
N ARG A 200 20.22 44.84 48.60
CA ARG A 200 19.07 44.10 48.09
C ARG A 200 19.36 42.60 48.05
N LEU A 201 18.29 41.82 48.10
CA LEU A 201 18.36 40.37 48.15
C LEU A 201 17.21 39.80 47.34
N GLN A 202 17.37 38.58 46.85
CA GLN A 202 16.31 37.88 46.13
C GLN A 202 15.92 36.64 46.91
N LEU A 203 14.74 36.67 47.53
CA LEU A 203 14.24 35.53 48.28
C LEU A 203 13.60 34.53 47.31
N VAL A 204 13.97 33.26 47.42
CA VAL A 204 13.56 32.23 46.47
C VAL A 204 12.81 31.12 47.21
N CYS A 205 11.59 30.82 46.74
CA CYS A 205 10.80 29.72 47.26
C CYS A 205 10.56 28.71 46.14
N HIS A 206 11.07 27.50 46.32
CA HIS A 206 10.85 26.39 45.40
C HIS A 206 9.67 25.54 45.88
N VAL A 207 8.86 25.07 44.94
CA VAL A 207 7.74 24.16 45.23
C VAL A 207 7.75 23.07 44.18
N SER A 208 7.95 21.83 44.61
CA SER A 208 8.24 20.77 43.68
C SER A 208 7.46 19.53 44.06
N GLY A 209 7.01 18.79 43.05
CA GLY A 209 6.37 17.51 43.26
C GLY A 209 4.86 17.52 43.38
N PHE A 210 4.19 18.65 43.17
CA PHE A 210 2.75 18.68 43.29
C PHE A 210 2.07 18.08 42.05
N TYR A 211 0.85 17.56 42.27
CA TYR A 211 -0.05 17.03 41.25
C TYR A 211 -1.43 17.05 41.89
N PRO A 212 -2.46 17.57 41.19
CA PRO A 212 -2.46 18.11 39.83
C PRO A 212 -1.74 19.44 39.71
N LYS A 213 -1.94 20.15 38.61
CA LYS A 213 -1.13 21.30 38.25
C LYS A 213 -1.47 22.58 39.01
N PRO A 214 -2.74 22.98 39.18
CA PRO A 214 -3.00 24.30 39.79
C PRO A 214 -2.28 24.40 41.13
N VAL A 215 -1.87 25.61 41.47
CA VAL A 215 -1.14 25.83 42.72
C VAL A 215 -1.08 27.32 42.99
N TRP A 216 -0.79 27.69 44.23
CA TRP A 216 -0.71 29.07 44.63
C TRP A 216 0.50 29.21 45.54
N VAL A 217 1.36 30.18 45.22
CA VAL A 217 2.57 30.47 46.01
C VAL A 217 2.70 31.99 46.10
N MET A 218 2.92 32.49 47.32
CA MET A 218 3.15 33.91 47.54
C MET A 218 4.14 34.11 48.67
N TRP A 219 4.90 35.20 48.58
CA TRP A 219 5.72 35.63 49.70
C TRP A 219 4.86 36.41 50.68
N MET A 220 5.00 36.11 51.96
CA MET A 220 4.13 36.59 53.00
C MET A 220 4.93 37.32 54.07
N ARG A 221 4.41 38.48 54.50
CA ARG A 221 4.72 39.03 55.82
C ARG A 221 3.48 38.79 56.65
N GLY A 222 3.51 37.72 57.44
CA GLY A 222 2.35 37.30 58.21
C GLY A 222 1.18 36.98 57.30
N GLU A 223 0.14 37.80 57.35
CA GLU A 223 -1.04 37.64 56.52
C GLU A 223 -1.11 38.67 55.39
N GLN A 224 -0.01 39.39 55.14
CA GLN A 224 0.03 40.41 54.11
C GLN A 224 0.67 39.83 52.84
N GLU A 225 -0.08 39.87 51.74
CA GLU A 225 0.44 39.37 50.47
C GLU A 225 1.45 40.36 49.92
N GLN A 226 2.71 39.97 49.87
CA GLN A 226 3.73 40.77 49.21
C GLN A 226 3.44 40.82 47.72
N GLN A 227 2.92 41.95 47.24
CA GLN A 227 2.54 42.07 45.85
C GLN A 227 3.74 42.02 44.89
N GLY A 228 4.96 42.15 45.40
CA GLY A 228 6.11 42.05 44.54
C GLY A 228 6.53 40.65 44.16
N THR A 229 5.87 39.62 44.68
CA THR A 229 6.21 38.24 44.35
C THR A 229 6.21 38.04 42.84
N GLN A 230 7.34 37.58 42.32
CA GLN A 230 7.45 37.18 40.93
C GLN A 230 7.27 35.67 40.86
N LEU A 231 6.30 35.23 40.07
CA LEU A 231 6.03 33.80 39.90
C LEU A 231 6.67 33.32 38.62
N GLY A 232 7.58 32.35 38.73
CA GLY A 232 8.13 31.73 37.55
C GLY A 232 7.09 30.90 36.79
N ASP A 233 7.59 30.09 35.87
CA ASP A 233 6.75 29.16 35.13
C ASP A 233 6.61 27.86 35.89
N ILE A 234 5.47 27.20 35.70
CA ILE A 234 5.33 25.84 36.19
C ILE A 234 6.06 24.91 35.23
N LEU A 235 6.97 24.10 35.77
CA LEU A 235 7.84 23.29 34.94
C LEU A 235 7.67 21.83 35.30
N PRO A 236 7.80 20.92 34.32
CA PRO A 236 7.51 19.50 34.59
C PRO A 236 8.68 18.76 35.21
N ASN A 237 8.35 17.82 36.09
CA ASN A 237 9.27 16.76 36.44
C ASN A 237 8.90 15.53 35.61
N ALA A 238 9.74 14.49 35.67
CA ALA A 238 9.49 13.31 34.84
C ALA A 238 8.31 12.51 35.38
N ASN A 239 8.15 12.43 36.70
CA ASN A 239 7.14 11.54 37.28
C ASN A 239 5.73 12.16 37.32
N TRP A 240 5.34 12.92 36.30
CA TRP A 240 4.04 13.61 36.28
C TRP A 240 3.83 14.49 37.52
N THR A 241 4.84 15.27 37.89
CA THR A 241 4.66 16.31 38.90
C THR A 241 5.25 17.61 38.37
N TRP A 242 5.05 18.69 39.12
CA TRP A 242 5.47 19.99 38.62
C TRP A 242 6.37 20.69 39.63
N TYR A 243 6.97 21.79 39.16
CA TYR A 243 7.97 22.57 39.88
C TYR A 243 7.70 24.04 39.61
N LEU A 244 7.80 24.87 40.67
CA LEU A 244 7.51 26.29 40.56
C LEU A 244 8.34 27.08 41.58
N ARG A 245 8.88 28.22 41.14
CA ARG A 245 9.69 29.11 41.98
C ARG A 245 8.98 30.43 42.14
N ALA A 246 8.86 30.91 43.38
CA ALA A 246 8.38 32.25 43.65
C ALA A 246 9.49 33.07 44.27
N THR A 247 9.82 34.20 43.64
CA THR A 247 10.89 35.05 44.14
C THR A 247 10.37 36.44 44.50
N LEU A 248 11.13 37.11 45.36
CA LEU A 248 10.77 38.43 45.86
C LEU A 248 12.04 39.29 45.98
N ASP A 249 12.07 40.41 45.25
CA ASP A 249 13.14 41.39 45.35
C ASP A 249 12.94 42.21 46.64
N VAL A 250 13.90 42.09 47.56
CA VAL A 250 13.74 42.69 48.88
C VAL A 250 15.07 43.25 49.36
N ALA A 251 15.00 44.35 50.10
CA ALA A 251 16.19 44.88 50.76
C ALA A 251 16.48 44.06 52.00
N ASP A 252 17.75 43.97 52.37
CA ASP A 252 18.07 43.21 53.57
C ASP A 252 17.45 43.90 54.77
N GLY A 253 17.07 43.11 55.76
CA GLY A 253 16.33 43.65 56.88
C GLY A 253 14.86 43.81 56.56
N GLU A 254 14.55 44.16 55.31
CA GLU A 254 13.17 44.09 54.84
C GLU A 254 12.71 42.64 54.70
N ALA A 255 13.66 41.71 54.57
CA ALA A 255 13.38 40.27 54.56
C ALA A 255 13.46 39.70 55.97
N ALA A 256 12.66 40.29 56.86
CA ALA A 256 12.64 39.92 58.25
C ALA A 256 11.22 39.51 58.61
N GLY A 257 11.06 38.26 59.06
CA GLY A 257 9.71 37.74 59.25
C GLY A 257 8.94 37.63 57.97
N LEU A 258 9.61 37.26 56.88
CA LEU A 258 8.95 36.93 55.63
C LEU A 258 8.81 35.42 55.54
N SER A 259 7.68 34.98 55.01
CA SER A 259 7.40 33.57 54.87
C SER A 259 6.90 33.29 53.47
N CYS A 260 7.10 32.04 53.05
CA CYS A 260 6.57 31.54 51.78
C CYS A 260 5.38 30.65 52.08
N ARG A 261 4.22 30.99 51.54
CA ARG A 261 2.99 30.21 51.75
C ARG A 261 2.57 29.53 50.46
N VAL A 262 2.31 28.22 50.56
CA VAL A 262 1.93 27.37 49.42
C VAL A 262 0.55 26.78 49.67
N LYS A 263 -0.43 27.18 48.87
CA LYS A 263 -1.73 26.53 48.84
C LYS A 263 -1.77 25.51 47.70
N HIS A 264 -2.18 24.28 48.00
CA HIS A 264 -2.41 23.27 46.96
C HIS A 264 -3.48 22.27 47.40
N SER A 265 -4.21 21.75 46.41
CA SER A 265 -5.37 20.92 46.65
C SER A 265 -5.06 19.65 47.44
N SER A 266 -3.81 19.20 47.45
CA SER A 266 -3.45 17.97 48.15
C SER A 266 -3.15 18.18 49.63
N LEU A 267 -3.12 19.41 50.11
CA LEU A 267 -2.61 19.69 51.45
C LEU A 267 -3.68 19.64 52.53
N GLU A 268 -4.94 19.38 52.17
CA GLU A 268 -6.02 19.18 53.13
C GLU A 268 -6.19 20.39 54.03
N GLY A 269 -6.02 21.59 53.46
CA GLY A 269 -6.15 22.83 54.19
C GLY A 269 -4.93 23.25 54.98
N GLN A 270 -3.89 22.41 55.04
CA GLN A 270 -2.68 22.73 55.80
C GLN A 270 -1.62 23.29 54.83
N ASP A 271 -1.68 24.59 54.59
CA ASP A 271 -0.70 25.27 53.74
C ASP A 271 0.72 25.05 54.25
N ILE A 272 1.66 24.82 53.33
CA ILE A 272 3.07 24.89 53.69
C ILE A 272 3.44 26.35 53.93
N ILE A 273 4.09 26.62 55.07
CA ILE A 273 4.57 27.96 55.41
C ILE A 273 6.02 27.84 55.83
N LEU A 274 6.91 28.48 55.08
CA LEU A 274 8.34 28.43 55.34
C LEU A 274 8.82 29.83 55.72
N TYR A 275 9.26 29.97 56.96
CA TYR A 275 9.74 31.26 57.43
C TYR A 275 11.19 31.46 57.01
N TRP A 276 11.51 32.67 56.55
CA TRP A 276 12.86 32.96 56.09
C TRP A 276 13.90 32.63 57.17
N ARG A 277 13.65 33.03 58.40
CA ARG A 277 14.53 32.71 59.52
C ARG A 277 15.99 33.12 59.26
N ILE B 1 11.17 33.51 10.25
CA ILE B 1 10.83 33.78 11.64
C ILE B 1 11.28 32.63 12.51
N GLN B 2 12.19 32.92 13.42
CA GLN B 2 12.71 31.92 14.32
C GLN B 2 12.49 32.40 15.74
N ARG B 3 12.52 31.47 16.66
CA ARG B 3 12.30 31.76 18.06
CA ARG B 3 12.28 31.75 18.07
C ARG B 3 13.41 31.13 18.87
N THR B 4 14.06 31.91 19.66
CA THR B 4 15.19 31.34 20.37
C THR B 4 14.71 30.59 21.61
N PRO B 5 15.44 29.58 22.06
CA PRO B 5 14.96 28.78 23.20
C PRO B 5 15.14 29.46 24.56
N LYS B 6 14.10 29.39 25.38
CA LYS B 6 14.21 29.67 26.81
C LYS B 6 14.72 28.41 27.52
N ILE B 7 15.58 28.61 28.52
CA ILE B 7 16.36 27.51 29.11
C ILE B 7 16.35 27.65 30.63
N GLN B 8 15.65 26.75 31.32
CA GLN B 8 15.55 26.80 32.77
C GLN B 8 16.04 25.48 33.39
N VAL B 9 16.88 25.59 34.42
CA VAL B 9 17.52 24.46 35.09
C VAL B 9 17.02 24.39 36.52
N TYR B 10 16.75 23.19 37.00
CA TYR B 10 16.18 23.03 38.34
C TYR B 10 16.35 21.59 38.78
N SER B 11 16.37 21.39 40.09
CA SER B 11 16.44 20.06 40.66
C SER B 11 15.07 19.65 41.18
N ARG B 12 14.77 18.35 41.07
CA ARG B 12 13.53 17.81 41.59
C ARG B 12 13.41 18.06 43.09
N HIS B 13 14.44 17.69 43.84
CA HIS B 13 14.49 17.82 45.28
C HIS B 13 15.51 18.86 45.68
N PRO B 14 15.37 19.47 46.86
CA PRO B 14 16.40 20.40 47.34
C PRO B 14 17.76 19.72 47.40
N ALA B 15 18.80 20.48 47.10
CA ALA B 15 20.15 19.93 47.03
C ALA B 15 20.61 19.49 48.43
N GLU B 16 20.89 18.21 48.58
CA GLU B 16 21.50 17.65 49.79
C GLU B 16 22.65 16.78 49.34
N ASN B 17 23.89 17.20 49.65
CA ASN B 17 25.06 16.50 49.16
C ASN B 17 25.12 15.09 49.72
N GLY B 18 25.32 14.12 48.83
CA GLY B 18 25.24 12.72 49.17
C GLY B 18 23.88 12.10 48.91
N LYS B 19 22.81 12.89 49.00
CA LYS B 19 21.47 12.41 48.69
C LYS B 19 21.23 12.42 47.17
N SER B 20 20.65 11.34 46.67
CA SER B 20 20.32 11.26 45.26
C SER B 20 19.27 12.31 44.90
N ASN B 21 19.28 12.68 43.63
CA ASN B 21 18.51 13.84 43.19
C ASN B 21 18.28 13.69 41.68
N PHE B 22 17.61 14.68 41.10
CA PHE B 22 17.38 14.72 39.66
C PHE B 22 17.59 16.15 39.18
N LEU B 23 18.42 16.29 38.16
CA LEU B 23 18.69 17.59 37.55
C LEU B 23 17.90 17.69 36.27
N ASN B 24 17.20 18.81 36.10
CA ASN B 24 16.28 18.99 34.99
C ASN B 24 16.73 20.20 34.18
N CYS B 25 16.62 20.10 32.87
CA CYS B 25 16.78 21.25 32.00
C CYS B 25 15.57 21.30 31.07
N TYR B 26 14.69 22.27 31.28
CA TYR B 26 13.51 22.49 30.44
C TYR B 26 13.80 23.57 29.41
N VAL B 27 13.53 23.26 28.15
CA VAL B 27 13.83 24.12 27.02
C VAL B 27 12.56 24.31 26.21
N SER B 28 12.24 25.55 25.89
CA SER B 28 10.91 25.85 25.41
C SER B 28 10.93 27.14 24.62
N GLY B 29 9.87 27.36 23.87
CA GLY B 29 9.74 28.57 23.11
C GLY B 29 10.55 28.65 21.83
N PHE B 30 11.19 27.56 21.39
CA PHE B 30 12.03 27.59 20.20
C PHE B 30 11.32 27.08 18.94
N HIS B 31 11.73 27.64 17.80
CA HIS B 31 11.32 27.24 16.46
C HIS B 31 12.44 27.55 15.49
N PRO B 32 12.84 26.60 14.61
CA PRO B 32 12.32 25.24 14.36
C PRO B 32 12.73 24.23 15.41
N SER B 33 12.45 22.94 15.19
CA SER B 33 12.51 21.94 16.25
C SER B 33 13.90 21.39 16.50
N ASP B 34 14.80 21.49 15.53
CA ASP B 34 16.13 20.91 15.69
C ASP B 34 16.89 21.68 16.76
N ILE B 35 17.48 20.94 17.69
CA ILE B 35 18.06 21.53 18.88
C ILE B 35 18.98 20.49 19.48
N GLU B 36 20.00 20.96 20.19
CA GLU B 36 20.95 20.10 20.86
C GLU B 36 21.06 20.56 22.31
N VAL B 37 20.89 19.62 23.23
CA VAL B 37 20.83 19.92 24.66
C VAL B 37 21.67 18.89 25.39
N ASP B 38 22.50 19.37 26.32
CA ASP B 38 23.35 18.52 27.15
C ASP B 38 23.31 19.03 28.58
N LEU B 39 23.49 18.11 29.52
CA LEU B 39 23.76 18.45 30.89
C LEU B 39 25.26 18.29 31.16
N LEU B 40 25.82 19.24 31.90
CA LEU B 40 27.26 19.28 32.18
C LEU B 40 27.50 19.07 33.67
N LYS B 41 28.44 18.18 33.99
CA LYS B 41 29.01 18.04 35.32
C LYS B 41 30.42 18.59 35.25
N ASN B 42 30.64 19.77 35.83
CA ASN B 42 31.95 20.44 35.75
C ASN B 42 32.41 20.59 34.31
N GLY B 43 31.49 21.01 33.44
CA GLY B 43 31.81 21.30 32.06
C GLY B 43 31.79 20.13 31.10
N GLU B 44 31.47 18.92 31.57
CA GLU B 44 31.55 17.70 30.77
C GLU B 44 30.16 17.11 30.54
N ARG B 45 29.88 16.76 29.29
CA ARG B 45 28.61 16.16 28.91
C ARG B 45 28.30 14.93 29.76
N ILE B 46 27.11 14.89 30.33
CA ILE B 46 26.66 13.72 31.07
C ILE B 46 26.09 12.70 30.08
N GLU B 47 26.40 11.42 30.30
CA GLU B 47 26.17 10.41 29.27
C GLU B 47 24.70 9.97 29.20
N LYS B 48 24.22 9.28 30.23
CA LYS B 48 22.85 8.78 30.21
C LYS B 48 21.96 9.94 30.67
N VAL B 49 21.37 10.63 29.72
CA VAL B 49 20.45 11.73 29.98
C VAL B 49 19.16 11.42 29.26
N GLU B 50 18.07 11.24 30.01
CA GLU B 50 16.78 11.06 29.38
C GLU B 50 16.25 12.39 28.86
N HIS B 51 15.21 12.30 28.04
CA HIS B 51 14.54 13.48 27.52
C HIS B 51 13.21 13.08 26.92
N SER B 52 12.33 14.06 26.80
CA SER B 52 10.96 13.83 26.36
C SER B 52 10.90 13.80 24.84
N ASP B 53 9.86 13.14 24.33
CA ASP B 53 9.53 13.27 22.91
C ASP B 53 9.18 14.71 22.61
N LEU B 54 9.40 15.11 21.36
CA LEU B 54 9.05 16.46 20.94
C LEU B 54 7.57 16.75 21.21
N SER B 55 7.32 17.92 21.79
CA SER B 55 5.97 18.47 21.88
C SER B 55 6.07 19.96 21.53
N PHE B 56 4.91 20.59 21.39
CA PHE B 56 4.88 22.02 21.15
C PHE B 56 3.66 22.59 21.85
N SER B 57 3.56 23.92 21.82
CA SER B 57 2.58 24.67 22.59
C SER B 57 1.55 25.30 21.65
N LYS B 58 0.60 26.01 22.29
CA LYS B 58 -0.49 26.67 21.59
C LYS B 58 0.00 27.51 20.44
N ASP B 59 1.11 28.24 20.66
CA ASP B 59 1.66 29.16 19.68
C ASP B 59 2.60 28.48 18.68
N TRP B 60 2.74 27.16 18.74
CA TRP B 60 3.46 26.25 17.83
C TRP B 60 4.92 26.13 18.21
N SER B 61 5.37 26.81 19.26
CA SER B 61 6.77 26.73 19.66
C SER B 61 7.01 25.45 20.44
N PHE B 62 8.22 24.92 20.33
CA PHE B 62 8.50 23.58 20.79
C PHE B 62 9.04 23.58 22.21
N TYR B 63 8.98 22.41 22.84
CA TYR B 63 9.51 22.28 24.18
C TYR B 63 9.95 20.83 24.44
N LEU B 64 10.97 20.71 25.27
CA LEU B 64 11.58 19.44 25.64
C LEU B 64 12.00 19.52 27.09
N LEU B 65 12.01 18.37 27.76
CA LEU B 65 12.54 18.23 29.10
C LEU B 65 13.66 17.23 29.08
N TYR B 66 14.86 17.65 29.48
CA TYR B 66 15.98 16.74 29.68
C TYR B 66 16.24 16.58 31.18
N TYR B 67 16.59 15.36 31.60
CA TYR B 67 16.80 15.12 33.02
C TYR B 67 17.70 13.92 33.20
N THR B 68 18.28 13.81 34.39
CA THR B 68 19.19 12.71 34.72
C THR B 68 19.20 12.56 36.22
N GLU B 69 19.39 11.32 36.68
CA GLU B 69 19.61 11.11 38.09
C GLU B 69 21.05 11.45 38.42
N PHE B 70 21.27 12.02 39.60
CA PHE B 70 22.61 12.40 40.02
C PHE B 70 22.61 12.58 41.54
N THR B 71 23.82 12.74 42.07
CA THR B 71 24.02 12.95 43.51
C THR B 71 25.00 14.10 43.65
N PRO B 72 24.55 15.27 44.09
CA PRO B 72 25.41 16.45 44.06
C PRO B 72 26.49 16.37 45.14
N THR B 73 27.65 16.97 44.84
CA THR B 73 28.78 17.00 45.76
C THR B 73 29.17 18.45 46.01
N GLU B 74 29.72 18.71 47.20
CA GLU B 74 30.20 20.05 47.51
C GLU B 74 31.03 20.63 46.37
N LYS B 75 31.86 19.78 45.74
CA LYS B 75 32.76 20.25 44.68
C LYS B 75 32.10 20.40 43.31
N ASP B 76 30.97 19.74 43.05
CA ASP B 76 30.46 19.59 41.69
C ASP B 76 29.57 20.75 41.26
N GLU B 77 29.84 21.28 40.07
CA GLU B 77 29.05 22.31 39.43
C GLU B 77 28.27 21.70 38.27
N TYR B 78 27.01 22.11 38.09
CA TYR B 78 26.13 21.52 37.08
C TYR B 78 25.47 22.60 36.24
N ALA B 79 25.26 22.29 34.96
CA ALA B 79 24.74 23.26 34.01
C ALA B 79 24.03 22.53 32.86
N CYS B 80 23.45 23.33 31.97
CA CYS B 80 22.70 22.86 30.82
C CYS B 80 23.17 23.64 29.60
N ARG B 81 23.52 22.93 28.52
CA ARG B 81 24.11 23.53 27.33
C ARG B 81 23.21 23.26 26.14
N VAL B 82 22.80 24.32 25.46
CA VAL B 82 21.79 24.23 24.42
C VAL B 82 22.32 24.89 23.16
N ASN B 83 22.30 24.17 22.05
CA ASN B 83 22.63 24.73 20.75
C ASN B 83 21.41 24.70 19.86
N HIS B 84 21.21 25.80 19.13
CA HIS B 84 20.04 25.99 18.29
C HIS B 84 20.40 27.01 17.21
N VAL B 85 19.69 26.92 16.09
CA VAL B 85 20.05 27.72 14.93
C VAL B 85 20.04 29.21 15.27
N THR B 86 19.18 29.65 16.20
CA THR B 86 19.11 31.05 16.58
C THR B 86 20.23 31.46 17.51
N LEU B 87 21.06 30.51 17.92
CA LEU B 87 22.17 30.78 18.84
C LEU B 87 23.46 30.75 18.03
N SER B 88 24.05 31.93 17.83
CA SER B 88 25.36 32.08 17.21
C SER B 88 26.45 31.34 17.98
N GLN B 89 26.17 30.87 19.19
CA GLN B 89 27.14 30.12 19.96
C GLN B 89 26.38 29.38 21.05
N PRO B 90 26.82 28.18 21.45
CA PRO B 90 26.09 27.42 22.47
C PRO B 90 25.79 28.30 23.68
N LYS B 91 24.63 28.06 24.29
CA LYS B 91 24.22 28.80 25.47
C LYS B 91 24.26 27.85 26.67
N ILE B 92 24.88 28.31 27.75
CA ILE B 92 24.96 27.53 28.99
C ILE B 92 24.14 28.25 30.05
N VAL B 93 23.44 27.46 30.88
CA VAL B 93 22.68 27.96 32.01
C VAL B 93 23.01 27.06 33.19
N LYS B 94 23.60 27.63 34.23
CA LYS B 94 24.03 26.81 35.34
C LYS B 94 22.88 26.51 36.29
N TRP B 95 23.03 25.42 37.03
CA TRP B 95 22.16 25.11 38.15
C TRP B 95 22.61 25.86 39.40
N ASP B 96 21.74 26.72 39.93
CA ASP B 96 22.06 27.49 41.13
C ASP B 96 21.81 26.67 42.39
N ARG B 97 22.80 26.67 43.28
CA ARG B 97 22.63 26.24 44.66
C ARG B 97 22.76 27.45 45.57
N ASP B 98 22.42 27.24 46.84
CA ASP B 98 22.54 28.31 47.80
C ASP B 98 23.97 28.33 48.34
N GLY C 1 -16.15 -5.08 5.60
CA GLY C 1 -15.15 -5.26 4.55
C GLY C 1 -15.71 -4.91 3.18
N ASN C 2 -14.83 -4.61 2.24
CA ASN C 2 -15.25 -4.23 0.90
C ASN C 2 -15.50 -5.48 0.06
N SER C 3 -16.38 -5.34 -0.92
CA SER C 3 -16.72 -6.46 -1.78
C SER C 3 -17.13 -5.94 -3.14
N VAL C 4 -16.94 -6.78 -4.15
CA VAL C 4 -17.35 -6.48 -5.51
C VAL C 4 -18.06 -7.71 -6.03
N THR C 5 -19.23 -7.51 -6.60
CA THR C 5 -20.01 -8.58 -7.19
C THR C 5 -20.33 -8.18 -8.62
N GLN C 6 -20.08 -9.08 -9.55
CA GLN C 6 -20.29 -8.78 -10.95
C GLN C 6 -20.93 -9.97 -11.63
N MET C 7 -21.53 -9.68 -12.78
CA MET C 7 -22.18 -10.69 -13.58
C MET C 7 -21.31 -11.92 -13.71
N GLU C 8 -21.91 -13.07 -13.47
CA GLU C 8 -21.20 -14.32 -13.52
C GLU C 8 -21.33 -14.92 -14.92
N GLY C 9 -20.51 -15.93 -15.19
CA GLY C 9 -20.75 -16.87 -16.26
C GLY C 9 -20.46 -16.28 -17.61
N PRO C 10 -19.98 -17.12 -18.53
CA PRO C 10 -19.54 -16.60 -19.83
C PRO C 10 -20.63 -15.84 -20.56
N VAL C 11 -20.25 -14.75 -21.19
CA VAL C 11 -21.16 -13.95 -22.00
C VAL C 11 -20.66 -14.07 -23.43
N THR C 12 -21.53 -14.52 -24.32
CA THR C 12 -21.21 -14.64 -25.74
C THR C 12 -22.15 -13.73 -26.51
N LEU C 13 -21.59 -12.88 -27.37
CA LEU C 13 -22.36 -11.91 -28.12
C LEU C 13 -21.94 -11.94 -29.59
N SER C 14 -22.90 -11.70 -30.47
CA SER C 14 -22.55 -11.38 -31.85
C SER C 14 -21.91 -10.01 -31.86
N GLU C 15 -20.94 -9.81 -32.73
CA GLU C 15 -20.34 -8.49 -32.81
C GLU C 15 -21.40 -7.45 -33.12
N GLU C 16 -21.23 -6.25 -32.57
CA GLU C 16 -22.11 -5.10 -32.68
C GLU C 16 -23.36 -5.23 -31.81
N ALA C 17 -23.49 -6.28 -31.01
CA ALA C 17 -24.53 -6.28 -30.00
C ALA C 17 -24.14 -5.35 -28.85
N PHE C 18 -25.13 -5.04 -28.01
CA PHE C 18 -24.96 -4.18 -26.86
C PHE C 18 -24.45 -5.01 -25.68
N LEU C 19 -23.40 -4.53 -25.04
CA LEU C 19 -22.79 -5.20 -23.89
C LEU C 19 -23.18 -4.50 -22.60
N THR C 20 -23.60 -5.29 -21.62
CA THR C 20 -23.76 -4.85 -20.24
C THR C 20 -23.15 -5.92 -19.35
N ILE C 21 -22.14 -5.54 -18.56
CA ILE C 21 -21.65 -6.40 -17.49
C ILE C 21 -21.96 -5.70 -16.19
N ASN C 22 -22.91 -6.24 -15.43
CA ASN C 22 -23.32 -5.61 -14.20
C ASN C 22 -22.22 -5.76 -13.15
N CYS C 23 -22.12 -4.75 -12.28
CA CYS C 23 -21.19 -4.77 -11.16
C CYS C 23 -21.71 -3.87 -10.04
N THR C 24 -21.81 -4.46 -8.85
CA THR C 24 -22.13 -3.73 -7.66
C THR C 24 -21.06 -4.04 -6.62
N TYR C 25 -21.01 -3.19 -5.61
CA TYR C 25 -19.96 -3.25 -4.62
C TYR C 25 -20.55 -2.90 -3.27
N THR C 26 -19.77 -3.15 -2.22
CA THR C 26 -20.08 -2.68 -0.88
C THR C 26 -18.80 -2.09 -0.31
N ALA C 27 -18.84 -0.80 0.01
CA ALA C 27 -17.64 -0.13 0.47
C ALA C 27 -18.02 0.91 1.50
N THR C 28 -17.17 1.04 2.52
CA THR C 28 -17.48 1.88 3.66
C THR C 28 -17.36 3.37 3.35
N GLY C 29 -16.45 3.76 2.46
CA GLY C 29 -16.11 5.18 2.34
C GLY C 29 -16.45 5.84 1.02
N TYR C 30 -15.46 6.43 0.35
CA TYR C 30 -15.62 6.95 -1.01
C TYR C 30 -14.56 6.32 -1.90
N PRO C 31 -14.75 5.06 -2.30
CA PRO C 31 -13.74 4.37 -3.11
C PRO C 31 -13.72 4.82 -4.57
N SER C 32 -12.62 4.50 -5.24
CA SER C 32 -12.52 4.64 -6.69
C SER C 32 -12.87 3.31 -7.34
N LEU C 33 -13.42 3.37 -8.55
CA LEU C 33 -13.95 2.20 -9.24
C LEU C 33 -13.26 1.99 -10.58
N PHE C 34 -13.00 0.73 -10.90
CA PHE C 34 -12.19 0.37 -12.05
C PHE C 34 -12.83 -0.78 -12.79
N TRP C 35 -12.51 -0.86 -14.08
CA TRP C 35 -12.61 -2.07 -14.87
C TRP C 35 -11.23 -2.39 -15.40
N TYR C 36 -10.76 -3.61 -15.16
CA TYR C 36 -9.57 -4.17 -15.78
C TYR C 36 -9.97 -5.20 -16.83
N VAL C 37 -9.24 -5.23 -17.94
CA VAL C 37 -9.49 -6.19 -19.00
C VAL C 37 -8.24 -7.07 -19.13
N GLN C 38 -8.45 -8.37 -19.33
CA GLN C 38 -7.39 -9.33 -19.49
C GLN C 38 -7.62 -10.03 -20.82
N TYR C 39 -6.89 -9.62 -21.86
CA TYR C 39 -7.00 -10.28 -23.15
C TYR C 39 -6.40 -11.68 -23.04
N PRO C 40 -6.81 -12.59 -23.92
CA PRO C 40 -6.29 -13.95 -23.88
C PRO C 40 -4.77 -14.00 -23.80
N GLY C 41 -4.26 -14.87 -22.92
CA GLY C 41 -2.85 -15.09 -22.75
C GLY C 41 -2.06 -14.00 -22.03
N GLU C 42 -2.72 -12.94 -21.59
CA GLU C 42 -2.07 -11.77 -21.01
C GLU C 42 -2.47 -11.58 -19.55
N GLY C 43 -1.72 -10.72 -18.84
CA GLY C 43 -2.15 -10.25 -17.54
C GLY C 43 -3.22 -9.18 -17.66
N LEU C 44 -3.77 -8.80 -16.51
CA LEU C 44 -4.74 -7.71 -16.48
C LEU C 44 -4.12 -6.36 -16.86
N GLN C 45 -4.96 -5.47 -17.37
CA GLN C 45 -4.56 -4.10 -17.57
C GLN C 45 -5.79 -3.24 -17.36
N LEU C 46 -5.57 -1.99 -16.97
CA LEU C 46 -6.67 -1.07 -16.70
C LEU C 46 -7.46 -0.81 -17.97
N LEU C 47 -8.79 -0.88 -17.85
CA LEU C 47 -9.67 -0.50 -18.95
C LEU C 47 -10.16 0.93 -18.80
N LEU C 48 -10.77 1.26 -17.66
CA LEU C 48 -11.27 2.60 -17.40
C LEU C 48 -11.49 2.71 -15.90
N LYS C 49 -11.73 3.95 -15.45
CA LYS C 49 -11.87 4.19 -14.02
C LYS C 49 -12.77 5.39 -13.77
N ALA C 50 -13.32 5.44 -12.56
CA ALA C 50 -14.13 6.56 -12.08
C ALA C 50 -13.72 6.83 -10.64
N THR C 51 -13.28 8.05 -10.35
CA THR C 51 -12.73 8.31 -9.03
C THR C 51 -13.74 8.94 -8.08
N LYS C 52 -14.73 9.67 -8.59
CA LYS C 52 -15.79 10.19 -7.73
C LYS C 52 -17.14 9.84 -8.33
N ALA C 53 -18.14 9.71 -7.45
CA ALA C 53 -19.51 9.38 -7.85
C ALA C 53 -20.00 10.27 -9.00
N ASP C 54 -20.79 9.67 -9.89
CA ASP C 54 -21.30 10.25 -11.12
C ASP C 54 -20.22 10.50 -12.18
N ASP C 55 -18.96 10.18 -11.91
CA ASP C 55 -17.99 10.18 -12.98
C ASP C 55 -18.24 9.02 -13.91
N LYS C 56 -17.97 9.24 -15.20
CA LYS C 56 -18.15 8.25 -16.25
C LYS C 56 -16.80 7.98 -16.89
N GLY C 57 -16.24 6.80 -16.66
CA GLY C 57 -15.02 6.40 -17.37
C GLY C 57 -15.32 5.84 -18.76
N SER C 58 -14.47 6.20 -19.72
CA SER C 58 -14.64 5.82 -21.11
C SER C 58 -13.31 5.32 -21.66
N ASN C 59 -13.34 4.23 -22.43
CA ASN C 59 -12.14 3.78 -23.14
C ASN C 59 -12.54 2.64 -24.08
N LYS C 60 -11.94 2.63 -25.28
CA LYS C 60 -12.19 1.61 -26.28
C LYS C 60 -13.69 1.41 -26.54
N GLY C 61 -14.48 2.48 -26.44
CA GLY C 61 -15.91 2.37 -26.67
C GLY C 61 -16.75 1.83 -25.52
N PHE C 62 -16.12 1.41 -24.42
CA PHE C 62 -16.86 1.05 -23.22
C PHE C 62 -17.12 2.30 -22.36
N GLU C 63 -18.06 2.18 -21.44
CA GLU C 63 -18.28 3.24 -20.48
C GLU C 63 -18.95 2.63 -19.26
N ALA C 64 -18.61 3.15 -18.10
CA ALA C 64 -19.13 2.68 -16.83
C ALA C 64 -19.31 3.90 -15.95
N THR C 65 -20.47 4.03 -15.35
CA THR C 65 -20.80 5.22 -14.57
C THR C 65 -20.85 4.85 -13.09
N TYR C 66 -20.22 5.68 -12.27
CA TYR C 66 -20.13 5.46 -10.83
C TYR C 66 -21.44 5.92 -10.20
N ARG C 67 -22.28 4.96 -9.80
CA ARG C 67 -23.60 5.22 -9.26
C ARG C 67 -23.55 4.97 -7.75
N LYS C 68 -23.29 6.05 -6.99
CA LYS C 68 -23.19 5.93 -5.54
C LYS C 68 -24.50 5.45 -4.94
N GLU C 69 -25.62 5.92 -5.50
CA GLU C 69 -26.95 5.65 -4.93
C GLU C 69 -27.27 4.16 -4.91
N THR C 70 -26.74 3.38 -5.85
CA THR C 70 -26.99 1.93 -5.85
C THR C 70 -25.71 1.12 -5.82
N THR C 71 -24.59 1.76 -5.50
CA THR C 71 -23.29 1.10 -5.43
C THR C 71 -23.05 0.24 -6.67
N SER C 72 -23.06 0.88 -7.83
CA SER C 72 -22.86 0.13 -9.07
C SER C 72 -21.90 0.86 -10.00
N PHE C 73 -21.36 0.10 -10.94
CA PHE C 73 -20.36 0.53 -11.91
C PHE C 73 -20.51 -0.42 -13.10
N HIS C 74 -21.66 -0.38 -13.76
CA HIS C 74 -21.96 -1.32 -14.83
C HIS C 74 -21.18 -0.95 -16.09
N LEU C 75 -20.64 -1.98 -16.74
CA LEU C 75 -19.83 -1.78 -17.93
C LEU C 75 -20.72 -1.93 -19.16
N GLU C 76 -20.65 -0.93 -20.06
CA GLU C 76 -21.53 -0.89 -21.21
C GLU C 76 -20.74 -0.57 -22.47
N LYS C 77 -21.11 -1.23 -23.56
CA LYS C 77 -20.57 -0.90 -24.88
C LYS C 77 -21.66 -1.22 -25.91
N GLY C 78 -21.97 -0.22 -26.75
CA GLY C 78 -23.08 -0.37 -27.67
C GLY C 78 -22.85 -1.39 -28.76
N SER C 79 -21.66 -1.38 -29.38
CA SER C 79 -21.31 -2.24 -30.50
C SER C 79 -19.97 -2.92 -30.21
N VAL C 80 -20.03 -4.15 -29.71
CA VAL C 80 -18.83 -4.90 -29.33
C VAL C 80 -18.14 -5.42 -30.58
N GLN C 81 -16.82 -5.26 -30.61
CA GLN C 81 -15.97 -5.80 -31.66
C GLN C 81 -15.50 -7.18 -31.27
N VAL C 82 -15.13 -7.97 -32.29
CA VAL C 82 -14.57 -9.30 -32.06
C VAL C 82 -13.32 -9.22 -31.20
N SER C 83 -12.55 -8.14 -31.33
CA SER C 83 -11.33 -7.99 -30.56
C SER C 83 -11.59 -7.71 -29.09
N ASP C 84 -12.85 -7.51 -28.65
CA ASP C 84 -13.12 -7.32 -27.24
C ASP C 84 -13.27 -8.64 -26.50
N SER C 85 -12.99 -9.75 -27.16
CA SER C 85 -12.95 -11.02 -26.45
C SER C 85 -11.81 -11.00 -25.43
N ALA C 86 -12.15 -11.28 -24.17
CA ALA C 86 -11.28 -11.07 -23.03
C ALA C 86 -12.06 -11.32 -21.76
N VAL C 87 -11.37 -11.34 -20.61
CA VAL C 87 -12.05 -11.41 -19.32
C VAL C 87 -12.04 -10.02 -18.70
N TYR C 88 -13.19 -9.60 -18.20
CA TYR C 88 -13.38 -8.26 -17.66
C TYR C 88 -13.50 -8.32 -16.14
N PHE C 89 -12.76 -7.44 -15.46
CA PHE C 89 -12.65 -7.46 -14.00
C PHE C 89 -13.10 -6.13 -13.44
N CYS C 90 -14.15 -6.17 -12.64
CA CYS C 90 -14.60 -5.02 -11.89
C CYS C 90 -13.80 -4.93 -10.59
N ALA C 91 -13.40 -3.71 -10.21
CA ALA C 91 -12.50 -3.58 -9.06
C ALA C 91 -12.74 -2.29 -8.31
N LEU C 92 -12.19 -2.22 -7.11
CA LEU C 92 -12.43 -1.09 -6.22
C LEU C 92 -11.27 -0.95 -5.25
N THR C 93 -10.92 0.30 -4.93
CA THR C 93 -9.94 0.53 -3.90
C THR C 93 -10.18 1.90 -3.29
N PRO C 94 -9.87 2.09 -2.00
CA PRO C 94 -10.04 3.41 -1.37
C PRO C 94 -9.27 4.46 -2.15
N SER C 95 -9.86 5.65 -2.24
CA SER C 95 -9.30 6.66 -3.13
C SER C 95 -7.88 7.04 -2.72
N GLY C 96 -7.06 7.35 -3.73
CA GLY C 96 -5.64 7.56 -3.53
C GLY C 96 -4.77 6.36 -3.78
N GLY C 97 -5.34 5.15 -3.75
CA GLY C 97 -4.61 3.91 -4.02
C GLY C 97 -3.65 3.49 -2.93
N TYR C 98 -3.82 3.99 -1.71
CA TYR C 98 -2.85 3.61 -0.70
C TYR C 98 -3.16 2.27 -0.05
N GLN C 99 -4.31 1.67 -0.34
CA GLN C 99 -4.72 0.44 0.30
C GLN C 99 -5.06 -0.57 -0.77
N LYS C 100 -5.49 -1.76 -0.36
CA LYS C 100 -5.61 -2.88 -1.29
C LYS C 100 -6.77 -2.68 -2.26
N VAL C 101 -6.63 -3.30 -3.44
CA VAL C 101 -7.67 -3.33 -4.46
C VAL C 101 -8.55 -4.56 -4.26
N THR C 102 -9.86 -4.36 -4.33
CA THR C 102 -10.81 -5.47 -4.28
C THR C 102 -11.27 -5.78 -5.70
N PHE C 103 -10.94 -6.97 -6.19
CA PHE C 103 -11.28 -7.43 -7.54
C PHE C 103 -12.54 -8.28 -7.51
N GLY C 104 -13.40 -8.07 -8.50
CA GLY C 104 -14.48 -9.00 -8.76
C GLY C 104 -13.97 -10.32 -9.30
N THR C 105 -14.88 -11.26 -9.45
CA THR C 105 -14.46 -12.60 -9.87
C THR C 105 -14.06 -12.65 -11.34
N GLY C 106 -14.52 -11.70 -12.14
CA GLY C 106 -14.25 -11.74 -13.56
C GLY C 106 -15.41 -12.30 -14.39
N THR C 107 -15.57 -11.74 -15.58
CA THR C 107 -16.62 -12.13 -16.51
C THR C 107 -15.99 -12.30 -17.87
N LYS C 108 -16.05 -13.52 -18.41
CA LYS C 108 -15.50 -13.83 -19.73
C LYS C 108 -16.50 -13.45 -20.82
N LEU C 109 -16.06 -12.65 -21.78
CA LEU C 109 -16.85 -12.21 -22.91
C LEU C 109 -16.28 -12.81 -24.20
N GLN C 110 -17.12 -13.49 -24.97
CA GLN C 110 -16.72 -14.07 -26.26
C GLN C 110 -17.52 -13.34 -27.33
N VAL C 111 -16.83 -12.57 -28.17
CA VAL C 111 -17.48 -11.84 -29.26
C VAL C 111 -17.30 -12.65 -30.54
N ILE C 112 -18.43 -12.99 -31.16
CA ILE C 112 -18.48 -13.89 -32.31
C ILE C 112 -18.68 -13.05 -33.56
N PRO C 113 -17.86 -13.23 -34.59
CA PRO C 113 -17.99 -12.40 -35.80
C PRO C 113 -19.21 -12.78 -36.64
N ASN C 114 -19.67 -11.81 -37.42
CA ASN C 114 -20.73 -12.03 -38.39
C ASN C 114 -20.06 -12.45 -39.69
N ILE C 115 -20.20 -13.72 -40.05
CA ILE C 115 -19.64 -14.25 -41.28
C ILE C 115 -20.49 -13.75 -42.44
N GLN C 116 -19.95 -12.81 -43.21
CA GLN C 116 -20.73 -12.17 -44.27
C GLN C 116 -21.16 -13.18 -45.33
N ASN C 117 -20.24 -14.05 -45.75
CA ASN C 117 -20.48 -14.96 -46.87
C ASN C 117 -20.09 -16.39 -46.46
N PRO C 118 -20.99 -17.10 -45.79
CA PRO C 118 -20.66 -18.46 -45.33
C PRO C 118 -20.42 -19.41 -46.49
N ASP C 119 -19.84 -20.56 -46.16
CA ASP C 119 -19.44 -21.57 -47.13
C ASP C 119 -19.00 -22.83 -46.40
N PRO C 120 -19.83 -23.38 -45.50
CA PRO C 120 -19.34 -24.45 -44.62
C PRO C 120 -18.90 -25.69 -45.39
N ALA C 121 -17.62 -26.01 -45.28
CA ALA C 121 -17.04 -27.15 -45.96
C ALA C 121 -16.19 -27.94 -44.97
N VAL C 122 -16.03 -29.22 -45.27
CA VAL C 122 -15.15 -30.09 -44.51
C VAL C 122 -14.07 -30.57 -45.47
N TYR C 123 -12.84 -30.55 -45.01
CA TYR C 123 -11.70 -30.90 -45.82
C TYR C 123 -10.84 -31.87 -45.03
N GLN C 124 -10.17 -32.77 -45.74
CA GLN C 124 -9.19 -33.65 -45.14
C GLN C 124 -7.81 -33.25 -45.64
N LEU C 125 -6.82 -33.28 -44.75
CA LEU C 125 -5.49 -32.75 -45.02
C LEU C 125 -4.45 -33.84 -44.83
N ARG C 126 -3.54 -33.98 -45.78
CA ARG C 126 -2.53 -35.02 -45.72
C ARG C 126 -1.28 -34.51 -45.02
N ASP C 127 -0.68 -35.38 -44.21
CA ASP C 127 0.55 -35.04 -43.50
C ASP C 127 1.69 -34.82 -44.50
N SER C 128 2.46 -33.76 -44.31
CA SER C 128 3.53 -33.45 -45.27
C SER C 128 4.63 -34.50 -45.25
N LYS C 129 4.86 -35.17 -44.11
CA LYS C 129 5.98 -36.10 -44.00
C LYS C 129 5.62 -37.55 -44.31
N SER C 130 4.33 -37.90 -44.29
CA SER C 130 3.91 -39.25 -44.64
C SER C 130 2.40 -39.23 -44.88
N SER C 131 1.95 -39.98 -45.87
CA SER C 131 0.51 -40.12 -46.05
C SER C 131 -0.04 -41.07 -44.98
N ASP C 132 -1.20 -41.67 -45.23
CA ASP C 132 -1.84 -42.57 -44.26
C ASP C 132 -1.95 -41.93 -42.88
N LYS C 133 -2.07 -40.61 -42.86
CA LYS C 133 -2.09 -39.81 -41.63
C LYS C 133 -2.76 -38.50 -41.99
N SER C 134 -3.83 -38.15 -41.30
CA SER C 134 -4.64 -37.03 -41.77
C SER C 134 -5.36 -36.36 -40.61
N VAL C 135 -5.82 -35.14 -40.88
CA VAL C 135 -6.67 -34.37 -39.98
C VAL C 135 -7.79 -33.79 -40.82
N CYS C 136 -8.88 -33.43 -40.14
CA CYS C 136 -10.04 -32.86 -40.78
C CYS C 136 -10.13 -31.37 -40.47
N LEU C 137 -10.59 -30.60 -41.45
CA LEU C 137 -10.79 -29.17 -41.27
C LEU C 137 -12.24 -28.83 -41.58
N PHE C 138 -12.98 -28.46 -40.56
CA PHE C 138 -14.31 -27.87 -40.73
C PHE C 138 -14.14 -26.36 -40.75
N THR C 139 -14.27 -25.74 -41.92
CA THR C 139 -14.01 -24.32 -42.00
C THR C 139 -15.12 -23.62 -42.78
N ASP C 140 -15.09 -22.30 -42.68
CA ASP C 140 -15.94 -21.39 -43.43
C ASP C 140 -17.41 -21.48 -43.03
N PHE C 141 -17.71 -22.10 -41.89
CA PHE C 141 -19.08 -22.12 -41.44
C PHE C 141 -19.45 -20.80 -40.77
N ASP C 142 -20.76 -20.55 -40.66
CA ASP C 142 -21.23 -19.34 -40.03
C ASP C 142 -21.07 -19.43 -38.52
N SER C 143 -21.19 -18.29 -37.87
CA SER C 143 -20.82 -18.22 -36.46
C SER C 143 -21.85 -18.91 -35.57
N GLN C 144 -23.10 -18.98 -36.03
CA GLN C 144 -24.15 -19.64 -35.25
C GLN C 144 -23.99 -21.15 -35.20
N THR C 145 -23.13 -21.73 -36.03
CA THR C 145 -22.90 -23.16 -36.01
C THR C 145 -22.31 -23.60 -34.67
N ASN C 146 -22.91 -24.63 -34.08
CA ASN C 146 -22.47 -25.17 -32.79
C ASN C 146 -21.70 -26.47 -33.04
N VAL C 147 -20.38 -26.39 -32.96
CA VAL C 147 -19.53 -27.56 -33.16
C VAL C 147 -19.52 -28.42 -31.91
N SER C 148 -19.88 -29.69 -32.07
CA SER C 148 -19.93 -30.64 -30.96
C SER C 148 -18.60 -31.38 -30.83
N GLN C 149 -18.42 -31.99 -29.65
CA GLN C 149 -17.20 -32.76 -29.38
C GLN C 149 -17.43 -34.25 -29.64
N LYS C 151 -17.53 -37.25 -29.02
CA LYS C 151 -17.46 -37.78 -27.66
C LYS C 151 -16.52 -38.97 -27.58
N ASP C 152 -16.15 -39.50 -28.74
CA ASP C 152 -15.45 -40.77 -28.80
C ASP C 152 -14.01 -40.64 -28.31
N SER C 153 -13.52 -41.73 -27.71
CA SER C 153 -12.20 -41.70 -27.07
C SER C 153 -11.09 -41.43 -28.09
N ASP C 154 -11.16 -42.09 -29.24
CA ASP C 154 -10.11 -41.96 -30.25
C ASP C 154 -10.32 -40.76 -31.15
N VAL C 155 -11.43 -40.03 -31.03
CA VAL C 155 -11.64 -38.80 -31.79
C VAL C 155 -11.31 -37.59 -30.92
N TYR C 156 -10.61 -36.63 -31.51
CA TYR C 156 -10.34 -35.34 -30.88
C TYR C 156 -10.85 -34.24 -31.79
N ILE C 157 -11.58 -33.29 -31.21
CA ILE C 157 -12.15 -32.15 -31.94
C ILE C 157 -11.79 -30.91 -31.15
N THR C 158 -11.22 -29.91 -31.83
CA THR C 158 -10.88 -28.68 -31.13
C THR C 158 -12.03 -27.70 -31.19
N ASP C 159 -11.92 -26.64 -30.40
CA ASP C 159 -12.91 -25.58 -30.46
C ASP C 159 -12.76 -24.82 -31.76
N LYS C 160 -13.73 -23.94 -32.03
CA LYS C 160 -13.63 -23.12 -33.23
C LYS C 160 -12.66 -21.96 -32.98
N CYS C 161 -12.14 -21.40 -34.08
CA CYS C 161 -11.06 -20.41 -34.06
C CYS C 161 -11.24 -19.46 -35.23
N VAL C 162 -11.19 -18.16 -34.97
CA VAL C 162 -11.45 -17.12 -35.98
C VAL C 162 -10.14 -16.60 -36.53
N LEU C 163 -9.77 -17.00 -37.75
CA LEU C 163 -8.54 -16.52 -38.38
C LEU C 163 -8.83 -15.40 -39.38
N ASP C 164 -7.86 -14.50 -39.51
CA ASP C 164 -7.97 -13.26 -40.28
C ASP C 164 -7.08 -13.33 -41.52
N MET C 165 -7.49 -12.62 -42.56
CA MET C 165 -6.72 -12.54 -43.79
C MET C 165 -6.85 -11.12 -44.32
N ARG C 166 -6.29 -10.16 -43.58
CA ARG C 166 -6.31 -8.77 -44.00
C ARG C 166 -5.64 -8.66 -45.37
N SER C 167 -6.38 -8.12 -46.33
CA SER C 167 -6.05 -8.21 -47.76
C SER C 167 -6.14 -9.66 -48.23
N ASP C 169 -9.58 -8.98 -47.12
CA ASP C 169 -10.45 -8.76 -45.97
C ASP C 169 -11.40 -9.94 -45.81
N PHE C 170 -11.04 -10.86 -44.93
CA PHE C 170 -11.68 -12.16 -44.83
C PHE C 170 -11.46 -12.71 -43.42
N LYS C 171 -12.50 -13.32 -42.85
CA LYS C 171 -12.40 -13.93 -41.52
C LYS C 171 -13.20 -15.23 -41.55
N SER C 172 -12.54 -16.35 -41.28
CA SER C 172 -13.19 -17.65 -41.36
C SER C 172 -13.10 -18.38 -40.02
N ASN C 173 -14.20 -19.01 -39.64
CA ASN C 173 -14.18 -19.99 -38.56
C ASN C 173 -13.57 -21.29 -39.05
N SER C 174 -13.01 -22.06 -38.13
CA SER C 174 -12.39 -23.33 -38.44
C SER C 174 -12.17 -24.09 -37.14
N ALA C 175 -12.28 -25.41 -37.25
CA ALA C 175 -12.01 -26.34 -36.16
C ALA C 175 -11.40 -27.59 -36.77
N VAL C 176 -10.69 -28.35 -35.97
CA VAL C 176 -9.90 -29.47 -36.47
C VAL C 176 -10.29 -30.73 -35.73
N ALA C 177 -10.21 -31.87 -36.43
CA ALA C 177 -10.47 -33.18 -35.86
C ALA C 177 -9.45 -34.17 -36.38
N TRP C 178 -9.06 -35.13 -35.54
CA TRP C 178 -8.18 -36.21 -35.96
C TRP C 178 -8.43 -37.42 -35.09
N SER C 179 -8.02 -38.59 -35.58
CA SER C 179 -8.31 -39.85 -34.90
C SER C 179 -7.11 -40.78 -35.00
N ASN C 180 -6.93 -41.57 -33.95
CA ASN C 180 -5.83 -42.55 -33.86
C ASN C 180 -6.20 -43.78 -34.67
N LYS C 181 -6.01 -43.68 -35.99
CA LYS C 181 -6.31 -44.77 -36.92
C LYS C 181 -7.73 -45.32 -36.73
N SER C 182 -8.66 -44.45 -36.32
CA SER C 182 -10.04 -44.85 -36.15
C SER C 182 -10.80 -44.91 -37.47
N ASP C 183 -10.12 -44.67 -38.59
CA ASP C 183 -10.75 -44.66 -39.91
C ASP C 183 -11.94 -43.71 -39.93
N PHE C 184 -11.80 -42.60 -39.21
CA PHE C 184 -12.87 -41.61 -39.12
C PHE C 184 -13.07 -40.94 -40.48
N ALA C 185 -14.31 -40.91 -40.93
CA ALA C 185 -14.64 -40.07 -42.08
C ALA C 185 -14.68 -38.62 -41.60
N CYS C 186 -14.04 -37.75 -42.36
CA CYS C 186 -14.16 -36.34 -42.01
C CYS C 186 -15.58 -35.82 -42.22
N ALA C 187 -16.35 -36.52 -43.06
CA ALA C 187 -17.73 -36.11 -43.35
C ALA C 187 -18.55 -35.94 -42.07
N ASN C 188 -18.54 -36.96 -41.22
CA ASN C 188 -19.39 -37.00 -40.04
C ASN C 188 -18.68 -36.58 -38.77
N ALA C 189 -17.37 -36.28 -38.85
CA ALA C 189 -16.57 -36.12 -37.65
C ALA C 189 -17.17 -35.07 -36.70
N PHE C 190 -17.68 -33.96 -37.26
CA PHE C 190 -18.08 -32.83 -36.42
C PHE C 190 -19.51 -32.93 -35.90
N ASN C 191 -20.33 -33.82 -36.47
CA ASN C 191 -21.57 -34.35 -35.85
C ASN C 191 -22.30 -35.22 -36.87
N ALA D 2 10.32 -0.90 -19.11
CA ALA D 2 9.98 -2.24 -19.59
C ALA D 2 8.62 -2.74 -19.03
N GLY D 3 8.06 -2.00 -18.07
CA GLY D 3 6.85 -2.42 -17.39
C GLY D 3 7.15 -3.44 -16.31
N VAL D 4 6.34 -4.51 -16.21
CA VAL D 4 6.50 -5.53 -15.18
C VAL D 4 6.93 -6.81 -15.85
N THR D 5 8.04 -7.37 -15.40
CA THR D 5 8.56 -8.61 -15.93
C THR D 5 8.45 -9.72 -14.88
N GLN D 6 8.37 -10.96 -15.36
CA GLN D 6 8.28 -12.15 -14.53
C GLN D 6 9.26 -13.20 -15.03
N THR D 7 9.90 -13.87 -14.09
CA THR D 7 10.77 -14.99 -14.43
C THR D 7 10.49 -16.12 -13.44
N PRO D 8 10.35 -17.37 -13.92
CA PRO D 8 10.38 -17.81 -15.33
C PRO D 8 9.07 -17.53 -16.03
N LYS D 9 8.98 -17.86 -17.31
CA LYS D 9 7.70 -17.80 -17.99
C LYS D 9 6.89 -19.09 -17.81
N PHE D 10 7.57 -20.23 -17.67
CA PHE D 10 6.99 -21.53 -17.52
C PHE D 10 7.91 -22.31 -16.61
N ARG D 11 7.37 -23.35 -15.96
CA ARG D 11 8.19 -24.19 -15.10
C ARG D 11 7.38 -25.41 -14.68
N VAL D 12 8.03 -26.58 -14.70
CA VAL D 12 7.44 -27.81 -14.17
C VAL D 12 8.33 -28.31 -13.04
N LEU D 13 7.71 -28.78 -11.96
CA LEU D 13 8.41 -29.18 -10.74
C LEU D 13 7.89 -30.52 -10.27
N LYS D 14 8.77 -31.32 -9.68
CA LYS D 14 8.32 -32.45 -8.89
C LYS D 14 7.76 -31.98 -7.56
N THR D 15 6.74 -32.69 -7.06
CA THR D 15 6.21 -32.45 -5.73
C THR D 15 7.34 -32.40 -4.70
N GLY D 16 7.31 -31.38 -3.84
CA GLY D 16 8.31 -31.23 -2.82
C GLY D 16 9.46 -30.34 -3.20
N GLN D 17 9.71 -30.14 -4.49
CA GLN D 17 10.83 -29.31 -4.91
C GLN D 17 10.52 -27.83 -4.66
N SER D 18 11.58 -27.07 -4.41
CA SER D 18 11.43 -25.64 -4.19
C SER D 18 11.77 -24.85 -5.44
N MET D 19 11.21 -23.64 -5.53
CA MET D 19 11.61 -22.70 -6.58
C MET D 19 11.27 -21.28 -6.14
N THR D 20 11.74 -20.33 -6.94
CA THR D 20 11.46 -18.92 -6.73
C THR D 20 11.03 -18.30 -8.05
N LEU D 21 9.93 -17.55 -8.03
CA LEU D 21 9.55 -16.72 -9.15
C LEU D 21 10.02 -15.28 -8.90
N LEU D 22 10.37 -14.59 -9.98
CA LEU D 22 10.97 -13.26 -9.89
C LEU D 22 10.09 -12.25 -10.59
N CYS D 23 9.72 -11.22 -9.86
CA CYS D 23 8.98 -10.11 -10.43
C CYS D 23 9.84 -8.86 -10.33
N ALA D 24 9.92 -8.11 -11.44
CA ALA D 24 10.73 -6.91 -11.50
C ALA D 24 9.94 -5.79 -12.16
N GLN D 25 10.06 -4.59 -11.62
CA GLN D 25 9.45 -3.41 -12.24
C GLN D 25 10.42 -2.25 -12.12
N ASP D 26 10.60 -1.53 -13.23
CA ASP D 26 11.51 -0.40 -13.32
C ASP D 26 10.77 0.93 -13.29
N MET D 27 9.57 0.96 -12.71
CA MET D 27 8.75 2.15 -12.66
C MET D 27 8.78 2.81 -11.29
N ASN D 28 9.66 2.33 -10.41
CA ASN D 28 9.82 2.86 -9.05
C ASN D 28 8.50 2.83 -8.27
N HIS D 29 7.78 1.71 -8.39
CA HIS D 29 6.50 1.58 -7.72
C HIS D 29 6.68 1.14 -6.27
N GLU D 30 5.88 1.75 -5.38
CA GLU D 30 5.90 1.35 -3.98
C GLU D 30 5.32 -0.04 -3.79
N TYR D 31 4.18 -0.32 -4.40
CA TYR D 31 3.37 -1.49 -4.06
C TYR D 31 3.60 -2.61 -5.07
N MET D 32 3.81 -3.82 -4.58
CA MET D 32 3.91 -4.97 -5.43
C MET D 32 3.10 -6.11 -4.84
N TYR D 33 2.61 -6.97 -5.73
CA TYR D 33 1.67 -8.01 -5.37
C TYR D 33 1.99 -9.27 -6.18
N TRP D 34 1.58 -10.41 -5.62
CA TRP D 34 1.70 -11.70 -6.26
C TRP D 34 0.34 -12.36 -6.23
N TYR D 35 -0.24 -12.59 -7.39
CA TYR D 35 -1.53 -13.25 -7.49
C TYR D 35 -1.38 -14.63 -8.11
N ARG D 36 -2.36 -15.48 -7.86
CA ARG D 36 -2.48 -16.71 -8.62
C ARG D 36 -3.86 -16.71 -9.27
N GLN D 37 -3.96 -17.39 -10.39
CA GLN D 37 -5.21 -17.41 -11.15
C GLN D 37 -5.33 -18.78 -11.81
N ASP D 38 -6.02 -19.68 -11.17
CA ASP D 38 -6.32 -20.96 -11.81
C ASP D 38 -7.14 -20.72 -13.07
N PRO D 39 -6.78 -21.35 -14.22
CA PRO D 39 -7.53 -21.15 -15.46
C PRO D 39 -9.06 -21.17 -15.33
N GLY D 40 -9.71 -20.14 -15.89
CA GLY D 40 -11.14 -19.94 -15.75
C GLY D 40 -11.55 -19.12 -14.54
N MET D 41 -10.66 -18.95 -13.57
CA MET D 41 -11.02 -18.41 -12.27
C MET D 41 -10.66 -16.93 -12.17
N GLY D 42 -10.97 -16.36 -11.01
CA GLY D 42 -10.53 -15.03 -10.66
C GLY D 42 -9.12 -15.02 -10.08
N LEU D 43 -8.70 -13.82 -9.70
CA LEU D 43 -7.43 -13.56 -9.03
C LEU D 43 -7.55 -13.80 -7.52
N ARG D 44 -6.56 -14.48 -6.96
CA ARG D 44 -6.42 -14.65 -5.52
C ARG D 44 -5.06 -14.12 -5.11
N LEU D 45 -5.06 -13.19 -4.16
CA LEU D 45 -3.84 -12.52 -3.71
C LEU D 45 -3.06 -13.43 -2.77
N ILE D 46 -1.82 -13.75 -3.14
CA ILE D 46 -0.99 -14.61 -2.30
C ILE D 46 -0.34 -13.81 -1.18
N HIS D 47 0.46 -12.82 -1.57
CA HIS D 47 1.18 -11.95 -0.68
C HIS D 47 1.27 -10.59 -1.37
N TYR D 48 1.52 -9.55 -0.60
CA TYR D 48 1.82 -8.26 -1.20
C TYR D 48 2.85 -7.54 -0.34
N SER D 49 3.30 -6.39 -0.85
CA SER D 49 4.37 -5.65 -0.22
C SER D 49 4.10 -4.18 -0.43
N VAL D 50 4.07 -3.46 0.69
CA VAL D 50 3.77 -2.04 0.67
C VAL D 50 5.04 -1.19 0.59
N GLY D 51 6.20 -1.79 0.68
CA GLY D 51 7.42 -1.04 0.45
C GLY D 51 8.60 -1.95 0.61
N GLU D 52 9.73 -1.49 0.07
CA GLU D 52 11.02 -2.13 0.28
C GLU D 52 11.14 -2.56 1.74
N GLY D 53 11.43 -3.83 1.95
CA GLY D 53 11.70 -4.36 3.26
C GLY D 53 10.52 -4.93 4.01
N THR D 54 9.30 -4.80 3.50
CA THR D 54 8.13 -5.34 4.19
C THR D 54 7.24 -6.12 3.23
N THR D 55 6.55 -7.12 3.79
CA THR D 55 5.61 -7.96 3.06
C THR D 55 4.42 -8.25 3.96
N ALA D 56 3.27 -8.52 3.35
CA ALA D 56 2.09 -8.89 4.11
C ALA D 56 1.47 -10.13 3.49
N LYS D 57 0.66 -10.83 4.27
CA LYS D 57 -0.09 -11.95 3.74
C LYS D 57 -1.32 -11.45 2.99
N GLY D 58 -1.64 -12.13 1.90
CA GLY D 58 -2.89 -11.91 1.19
C GLY D 58 -3.91 -12.96 1.56
N GLU D 59 -4.95 -13.06 0.74
CA GLU D 59 -6.02 -14.00 1.02
C GLU D 59 -5.59 -15.46 0.96
N VAL D 60 -4.51 -15.78 0.25
CA VAL D 60 -4.28 -17.21 0.02
C VAL D 60 -2.79 -17.53 0.19
N PRO D 61 -2.20 -17.16 1.33
CA PRO D 61 -0.75 -17.20 1.46
C PRO D 61 -0.15 -18.57 1.68
N ASP D 62 -0.94 -19.55 2.11
CA ASP D 62 -0.38 -20.82 2.56
C ASP D 62 0.42 -21.51 1.47
N GLY D 63 1.66 -21.86 1.80
CA GLY D 63 2.52 -22.59 0.90
C GLY D 63 3.47 -21.72 0.13
N TYR D 64 3.37 -20.41 0.29
CA TYR D 64 4.24 -19.46 -0.37
C TYR D 64 4.92 -18.59 0.67
N ASN D 65 6.15 -18.18 0.37
CA ASN D 65 6.81 -17.11 1.10
C ASN D 65 7.20 -16.05 0.08
N VAL D 66 7.54 -14.86 0.58
CA VAL D 66 7.94 -13.73 -0.26
C VAL D 66 9.08 -13.00 0.41
N SER D 67 9.71 -12.12 -0.38
CA SER D 67 10.69 -11.16 0.11
C SER D 67 10.67 -9.95 -0.80
N ARG D 68 10.84 -8.77 -0.21
CA ARG D 68 10.99 -7.52 -0.97
C ARG D 68 12.26 -6.83 -0.47
N LEU D 69 13.44 -7.34 -0.84
CA LEU D 69 14.67 -6.73 -0.34
C LEU D 69 15.03 -5.46 -1.11
N LYS D 70 14.69 -5.38 -2.38
CA LYS D 70 14.81 -4.15 -3.15
C LYS D 70 13.43 -3.71 -3.62
N LYS D 71 13.28 -2.39 -3.76
CA LYS D 71 12.02 -1.83 -4.23
C LYS D 71 11.67 -2.36 -5.62
N GLN D 72 12.69 -2.69 -6.42
CA GLN D 72 12.48 -3.12 -7.80
C GLN D 72 11.82 -4.49 -7.88
N ASN D 73 12.16 -5.39 -6.97
CA ASN D 73 11.81 -6.80 -7.11
C ASN D 73 10.93 -7.30 -5.97
N PHE D 74 10.08 -8.28 -6.31
CA PHE D 74 9.22 -8.98 -5.37
C PHE D 74 9.27 -10.46 -5.73
N LEU D 75 9.74 -11.27 -4.79
CA LEU D 75 10.04 -12.68 -5.04
C LEU D 75 9.00 -13.56 -4.36
N LEU D 76 8.51 -14.54 -5.11
CA LEU D 76 7.60 -15.57 -4.60
C LEU D 76 8.40 -16.84 -4.47
N GLY D 77 8.36 -17.46 -3.29
CA GLY D 77 9.11 -18.68 -3.04
C GLY D 77 8.14 -19.82 -2.78
N LEU D 78 8.49 -21.01 -3.26
CA LEU D 78 7.72 -22.21 -2.99
C LEU D 78 8.68 -23.19 -2.33
N GLU D 79 8.44 -23.49 -1.04
CA GLU D 79 9.39 -24.28 -0.29
C GLU D 79 9.17 -25.78 -0.45
N SER D 80 7.97 -26.18 -0.82
CA SER D 80 7.69 -27.58 -1.07
C SER D 80 6.51 -27.54 -2.04
N ALA D 81 6.81 -27.73 -3.32
CA ALA D 81 5.77 -27.62 -4.34
C ALA D 81 4.73 -28.71 -4.14
N ALA D 82 3.46 -28.31 -4.25
CA ALA D 82 2.29 -29.18 -4.13
C ALA D 82 1.50 -29.17 -5.42
N PRO D 83 0.93 -30.31 -5.81
CA PRO D 83 0.05 -30.33 -6.99
C PRO D 83 -1.00 -29.24 -6.97
N SER D 84 -1.49 -28.86 -5.79
CA SER D 84 -2.45 -27.77 -5.69
C SER D 84 -1.90 -26.46 -6.23
N GLN D 85 -0.58 -26.30 -6.29
CA GLN D 85 0.02 -25.04 -6.69
C GLN D 85 0.15 -24.89 -8.19
N THR D 86 -0.20 -25.92 -8.95
CA THR D 86 -0.35 -25.80 -10.39
C THR D 86 -1.32 -24.66 -10.72
N SER D 87 -0.82 -23.65 -11.43
CA SER D 87 -1.58 -22.43 -11.62
C SER D 87 -0.81 -21.41 -12.46
N VAL D 88 -1.46 -20.29 -12.76
CA VAL D 88 -0.81 -19.17 -13.44
C VAL D 88 -0.64 -18.03 -12.42
N TYR D 89 0.59 -17.55 -12.28
CA TYR D 89 0.93 -16.55 -11.29
C TYR D 89 1.19 -15.23 -11.97
N PHE D 90 0.50 -14.17 -11.53
CA PHE D 90 0.72 -12.83 -12.04
C PHE D 90 1.25 -11.94 -10.94
N CYS D 91 2.29 -11.21 -11.27
CA CYS D 91 2.79 -10.15 -10.43
C CYS D 91 2.13 -8.83 -10.83
N ALA D 92 2.03 -7.91 -9.88
CA ALA D 92 1.51 -6.60 -10.19
C ALA D 92 2.25 -5.57 -9.35
N SER D 93 2.14 -4.31 -9.76
CA SER D 93 2.78 -3.23 -9.03
C SER D 93 1.96 -1.97 -9.21
N SER D 94 2.10 -1.03 -8.30
CA SER D 94 1.36 0.22 -8.45
C SER D 94 2.04 1.33 -7.66
N MET D 95 1.64 2.55 -7.98
CA MET D 95 2.12 3.77 -7.34
C MET D 95 0.98 4.47 -6.63
N PRO D 96 0.90 4.42 -5.30
CA PRO D 96 -0.13 5.20 -4.61
C PRO D 96 0.17 6.69 -4.64
N GLY D 97 -0.89 7.48 -4.69
CA GLY D 97 -0.81 8.92 -4.63
C GLY D 97 -2.13 9.56 -5.01
N LEU D 98 -2.47 10.69 -4.39
CA LEU D 98 -3.75 11.34 -4.66
C LEU D 98 -3.86 11.79 -6.11
N ARG D 99 -2.74 12.11 -6.75
CA ARG D 99 -2.72 12.39 -8.18
C ARG D 99 -2.10 11.29 -9.00
N SER D 100 -1.46 10.32 -8.36
CA SER D 100 -0.82 9.25 -9.09
C SER D 100 -1.86 8.44 -9.85
N SER D 101 -1.45 7.86 -10.97
CA SER D 101 -2.26 6.84 -11.65
C SER D 101 -1.97 5.54 -10.93
N TYR D 102 -2.74 5.27 -9.89
CA TYR D 102 -2.43 4.21 -8.94
C TYR D 102 -3.00 2.85 -9.32
N GLU D 103 -3.59 2.71 -10.52
CA GLU D 103 -4.02 1.40 -11.00
C GLU D 103 -2.88 0.40 -10.91
N GLN D 104 -3.24 -0.88 -10.78
CA GLN D 104 -2.24 -1.93 -10.80
C GLN D 104 -1.77 -2.25 -12.22
N TYR D 105 -0.46 -2.49 -12.36
CA TYR D 105 0.19 -2.90 -13.60
C TYR D 105 0.62 -4.35 -13.44
N PHE D 106 0.32 -5.20 -14.42
CA PHE D 106 0.53 -6.63 -14.27
C PHE D 106 1.68 -7.11 -15.13
N GLY D 107 2.39 -8.13 -14.63
CA GLY D 107 3.32 -8.87 -15.43
C GLY D 107 2.60 -9.81 -16.42
N PRO D 108 3.38 -10.52 -17.25
CA PRO D 108 2.77 -11.36 -18.29
C PRO D 108 2.36 -12.75 -17.82
N GLY D 109 2.66 -13.12 -16.59
CA GLY D 109 2.21 -14.39 -16.06
C GLY D 109 3.30 -15.45 -16.13
N THR D 110 3.21 -16.41 -15.20
CA THR D 110 4.17 -17.50 -15.08
C THR D 110 3.36 -18.76 -14.88
N ARG D 111 3.39 -19.69 -15.85
CA ARG D 111 2.60 -20.92 -15.75
C ARG D 111 3.40 -21.98 -15.00
N LEU D 112 2.82 -22.47 -13.90
N LEU D 112 2.82 -22.47 -13.90
CA LEU D 112 3.45 -23.46 -13.06
CA LEU D 112 3.45 -23.46 -13.05
C LEU D 112 2.66 -24.76 -13.10
C LEU D 112 2.66 -24.76 -13.10
N THR D 113 3.36 -25.87 -13.27
CA THR D 113 2.76 -27.19 -13.19
C THR D 113 3.59 -28.01 -12.21
N VAL D 114 2.95 -28.44 -11.12
CA VAL D 114 3.57 -29.32 -10.14
C VAL D 114 3.01 -30.73 -10.35
N THR D 115 3.88 -31.68 -10.60
CA THR D 115 3.51 -33.06 -10.84
C THR D 115 4.21 -33.95 -9.82
N GLU D 116 3.72 -35.19 -9.73
CA GLU D 116 4.22 -36.11 -8.71
C GLU D 116 5.51 -36.79 -9.12
N ASP D 117 5.81 -36.77 -10.42
CA ASP D 117 6.97 -37.48 -10.98
C ASP D 117 7.27 -36.92 -12.37
N LEU D 118 8.50 -36.49 -12.62
CA LEU D 118 8.83 -35.94 -13.93
C LEU D 118 8.77 -36.99 -15.05
N LYS D 119 8.57 -38.27 -14.74
CA LYS D 119 8.26 -39.22 -15.80
C LYS D 119 6.95 -38.88 -16.51
N ASN D 120 6.17 -37.93 -15.97
CA ASN D 120 4.97 -37.43 -16.61
C ASN D 120 5.25 -36.45 -17.73
N VAL D 121 6.48 -35.97 -17.88
CA VAL D 121 6.73 -34.83 -18.76
C VAL D 121 7.04 -35.35 -20.15
N PHE D 122 6.39 -34.78 -21.16
CA PHE D 122 6.61 -35.22 -22.53
C PHE D 122 6.70 -34.03 -23.46
N PRO D 123 7.69 -34.00 -24.36
CA PRO D 123 7.72 -32.96 -25.40
C PRO D 123 6.64 -33.23 -26.43
N PRO D 124 6.29 -32.24 -27.25
CA PRO D 124 5.32 -32.51 -28.30
C PRO D 124 5.94 -33.29 -29.43
N GLU D 125 5.09 -34.04 -30.13
CA GLU D 125 5.35 -34.41 -31.51
C GLU D 125 4.59 -33.42 -32.39
N VAL D 126 5.15 -33.07 -33.53
CA VAL D 126 4.58 -32.02 -34.34
C VAL D 126 4.48 -32.48 -35.79
N ALA D 127 3.37 -32.14 -36.45
CA ALA D 127 3.21 -32.44 -37.87
C ALA D 127 2.48 -31.29 -38.56
N VAL D 128 2.86 -31.03 -39.80
CA VAL D 128 2.18 -30.06 -40.65
C VAL D 128 1.34 -30.83 -41.65
N PHE D 129 0.11 -30.37 -41.88
CA PHE D 129 -0.80 -31.04 -42.79
C PHE D 129 -1.07 -30.11 -43.97
N GLU D 130 -0.80 -30.61 -45.18
CA GLU D 130 -0.86 -29.81 -46.40
C GLU D 130 -2.32 -29.55 -46.78
N PRO D 131 -2.60 -28.42 -47.44
CA PRO D 131 -3.98 -28.06 -47.71
C PRO D 131 -4.68 -29.05 -48.63
N SER D 132 -5.99 -29.19 -48.42
CA SER D 132 -6.80 -30.05 -49.28
C SER D 132 -6.93 -29.44 -50.67
N GLU D 133 -6.75 -30.29 -51.69
CA GLU D 133 -6.95 -29.80 -53.05
C GLU D 133 -8.36 -29.27 -53.25
N ALA D 134 -9.33 -29.82 -52.51
CA ALA D 134 -10.70 -29.35 -52.66
C ALA D 134 -10.85 -27.92 -52.16
N GLU D 135 -10.17 -27.57 -51.06
CA GLU D 135 -10.23 -26.19 -50.59
C GLU D 135 -9.63 -25.24 -51.64
N ILE D 136 -8.48 -25.61 -52.21
CA ILE D 136 -7.87 -24.78 -53.27
C ILE D 136 -8.88 -24.55 -54.39
N SER D 137 -9.51 -25.63 -54.85
CA SER D 137 -10.46 -25.54 -55.96
C SER D 137 -11.69 -24.72 -55.58
N HIS D 138 -12.31 -25.06 -54.45
CA HIS D 138 -13.57 -24.42 -54.08
C HIS D 138 -13.37 -22.96 -53.68
N THR D 139 -12.25 -22.62 -53.04
CA THR D 139 -12.12 -21.29 -52.43
C THR D 139 -10.98 -20.43 -52.97
N GLN D 140 -10.02 -20.98 -53.71
CA GLN D 140 -8.80 -20.28 -54.12
C GLN D 140 -7.92 -19.89 -52.92
N LYS D 141 -8.16 -20.49 -51.77
CA LYS D 141 -7.32 -20.35 -50.58
C LYS D 141 -6.85 -21.73 -50.14
N ALA D 142 -5.83 -21.75 -49.28
CA ALA D 142 -5.25 -23.02 -48.86
C ALA D 142 -4.89 -22.93 -47.39
N THR D 143 -5.41 -23.87 -46.61
CA THR D 143 -5.20 -23.88 -45.17
C THR D 143 -4.26 -25.02 -44.82
N LEU D 144 -3.10 -24.66 -44.27
CA LEU D 144 -2.24 -25.62 -43.61
C LEU D 144 -2.67 -25.74 -42.15
N VAL D 145 -2.44 -26.92 -41.59
CA VAL D 145 -2.75 -27.20 -40.20
C VAL D 145 -1.48 -27.75 -39.57
N CYS D 146 -1.15 -27.22 -38.41
CA CYS D 146 -0.11 -27.80 -37.57
C CYS D 146 -0.79 -28.46 -36.38
N LEU D 147 -0.31 -29.64 -36.02
CA LEU D 147 -0.83 -30.35 -34.88
C LEU D 147 0.33 -30.74 -33.98
N ALA D 148 0.25 -30.33 -32.72
CA ALA D 148 1.21 -30.77 -31.71
C ALA D 148 0.51 -31.67 -30.72
N THR D 149 1.05 -32.86 -30.51
CA THR D 149 0.36 -33.87 -29.71
C THR D 149 1.30 -34.52 -28.71
N GLY D 150 0.70 -34.98 -27.62
CA GLY D 150 1.37 -35.81 -26.64
C GLY D 150 2.24 -35.09 -25.64
N PHE D 151 2.07 -33.78 -25.45
CA PHE D 151 2.97 -33.07 -24.55
C PHE D 151 2.34 -32.85 -23.19
N TYR D 152 3.20 -32.83 -22.17
CA TYR D 152 2.84 -32.51 -20.81
C TYR D 152 4.11 -31.93 -20.22
N PRO D 153 4.03 -30.81 -19.49
CA PRO D 153 2.81 -30.01 -19.20
C PRO D 153 2.34 -29.24 -20.43
N ASP D 154 1.23 -28.51 -20.37
CA ASP D 154 0.77 -27.72 -21.51
C ASP D 154 1.47 -26.35 -21.51
N HIS D 155 2.78 -26.41 -21.63
CA HIS D 155 3.68 -25.25 -21.64
C HIS D 155 4.35 -25.17 -23.00
N VAL D 156 3.68 -24.57 -23.97
CA VAL D 156 4.22 -24.54 -25.33
C VAL D 156 3.88 -23.22 -25.99
N GLU D 157 4.75 -22.84 -26.93
CA GLU D 157 4.57 -21.65 -27.77
C GLU D 157 4.67 -22.11 -29.22
N LEU D 158 3.59 -21.90 -29.95
CA LEU D 158 3.49 -22.32 -31.34
C LEU D 158 3.52 -21.06 -32.20
N SER D 159 4.30 -21.11 -33.28
CA SER D 159 4.39 -20.00 -34.22
C SER D 159 4.57 -20.59 -35.61
N TRP D 160 4.20 -19.80 -36.62
CA TRP D 160 4.37 -20.21 -38.01
C TRP D 160 5.48 -19.41 -38.67
N TRP D 161 6.18 -20.06 -39.60
CA TRP D 161 7.36 -19.49 -40.26
C TRP D 161 7.28 -19.76 -41.75
N VAL D 162 7.26 -18.69 -42.55
CA VAL D 162 7.29 -18.76 -44.02
C VAL D 162 8.64 -18.23 -44.52
N ASN D 163 9.45 -19.14 -45.06
CA ASN D 163 10.78 -18.84 -45.59
C ASN D 163 11.64 -18.16 -44.50
N GLY D 164 11.60 -18.75 -43.32
CA GLY D 164 12.41 -18.30 -42.20
C GLY D 164 11.94 -17.06 -41.49
N LYS D 165 10.75 -16.54 -41.79
CA LYS D 165 10.22 -15.34 -41.12
C LYS D 165 8.91 -15.70 -40.46
N GLU D 166 8.73 -15.28 -39.21
CA GLU D 166 7.49 -15.59 -38.52
C GLU D 166 6.34 -14.85 -39.18
N VAL D 167 5.18 -15.50 -39.25
CA VAL D 167 4.00 -14.89 -39.86
C VAL D 167 2.90 -14.82 -38.81
N HIS D 168 1.96 -13.90 -39.05
CA HIS D 168 0.83 -13.71 -38.15
C HIS D 168 -0.48 -13.62 -38.93
N SER D 169 -0.49 -12.84 -39.99
CA SER D 169 -1.65 -12.81 -40.88
C SER D 169 -2.01 -14.23 -41.32
N GLY D 170 -3.30 -14.56 -41.23
CA GLY D 170 -3.76 -15.88 -41.63
C GLY D 170 -3.57 -16.99 -40.62
N VAL D 171 -3.11 -16.68 -39.41
CA VAL D 171 -2.86 -17.68 -38.37
C VAL D 171 -4.02 -17.70 -37.38
N CYS D 172 -4.36 -18.90 -36.91
CA CYS D 172 -5.29 -19.09 -35.79
C CYS D 172 -4.84 -20.29 -34.99
N THR D 173 -4.52 -20.09 -33.72
CA THR D 173 -4.04 -21.17 -32.86
C THR D 173 -5.07 -21.42 -31.78
N ASP D 174 -5.33 -22.70 -31.48
CA ASP D 174 -6.28 -23.08 -30.44
C ASP D 174 -5.99 -22.33 -29.15
N PRO D 175 -6.96 -21.61 -28.59
CA PRO D 175 -6.69 -20.79 -27.39
C PRO D 175 -6.11 -21.60 -26.24
N GLN D 176 -6.58 -22.83 -26.07
CA GLN D 176 -6.23 -23.70 -24.98
C GLN D 176 -5.91 -25.08 -25.53
N PRO D 177 -4.80 -25.69 -25.13
CA PRO D 177 -4.56 -27.08 -25.52
C PRO D 177 -5.63 -27.99 -24.95
N LEU D 178 -5.86 -29.11 -25.64
CA LEU D 178 -6.88 -30.09 -25.31
CA LEU D 178 -6.88 -30.06 -25.24
C LEU D 178 -6.25 -31.30 -24.63
N LYS D 179 -6.98 -31.93 -23.71
CA LYS D 179 -6.50 -33.14 -23.07
C LYS D 179 -6.67 -34.33 -23.99
N GLU D 180 -5.62 -35.12 -24.13
CA GLU D 180 -5.70 -36.29 -24.97
C GLU D 180 -6.59 -37.34 -24.34
N GLN D 181 -6.43 -37.55 -23.04
CA GLN D 181 -7.24 -38.48 -22.25
C GLN D 181 -7.94 -37.67 -21.15
N PRO D 182 -9.04 -36.99 -21.49
CA PRO D 182 -9.69 -36.08 -20.52
C PRO D 182 -10.21 -36.77 -19.27
N ALA D 183 -10.22 -38.11 -19.24
CA ALA D 183 -10.65 -38.83 -18.05
C ALA D 183 -9.56 -38.78 -16.97
N LEU D 184 -8.33 -39.08 -17.35
CA LEU D 184 -7.19 -39.06 -16.43
C LEU D 184 -6.99 -37.70 -15.75
N ASN D 185 -6.00 -37.63 -14.86
CA ASN D 185 -5.68 -36.41 -14.14
C ASN D 185 -4.41 -35.75 -14.63
N ASP D 186 -3.38 -36.55 -14.96
CA ASP D 186 -2.12 -36.05 -15.51
C ASP D 186 -1.99 -36.37 -16.99
N SER D 187 -3.12 -36.27 -17.71
CA SER D 187 -3.18 -36.59 -19.13
C SER D 187 -2.27 -35.66 -19.94
N ARG D 188 -1.88 -36.13 -21.12
CA ARG D 188 -1.07 -35.33 -22.04
C ARG D 188 -1.97 -34.36 -22.80
N TYR D 189 -1.37 -33.59 -23.71
CA TYR D 189 -2.07 -32.46 -24.30
C TYR D 189 -1.82 -32.45 -25.80
N ALA D 190 -2.75 -31.81 -26.52
CA ALA D 190 -2.59 -31.55 -27.94
C ALA D 190 -2.98 -30.10 -28.22
N LEU D 191 -2.47 -29.58 -29.32
CA LEU D 191 -2.76 -28.22 -29.73
C LEU D 191 -2.70 -28.17 -31.24
N SER D 192 -3.53 -27.31 -31.83
CA SER D 192 -3.53 -27.23 -33.29
C SER D 192 -3.58 -25.76 -33.73
N SER D 193 -3.21 -25.54 -34.98
CA SER D 193 -3.11 -24.19 -35.52
C SER D 193 -3.43 -24.25 -37.01
N ARG D 194 -4.02 -23.18 -37.52
CA ARG D 194 -4.20 -23.02 -38.96
C ARG D 194 -3.37 -21.85 -39.45
N LEU D 195 -2.79 -22.03 -40.63
CA LEU D 195 -2.19 -20.96 -41.41
C LEU D 195 -2.90 -20.99 -42.76
N ARG D 196 -3.65 -19.94 -43.05
CA ARG D 196 -4.41 -19.85 -44.30
C ARG D 196 -3.71 -18.84 -45.20
N VAL D 197 -3.23 -19.34 -46.34
CA VAL D 197 -2.54 -18.54 -47.33
C VAL D 197 -3.34 -18.59 -48.63
N SER D 198 -3.05 -17.63 -49.51
CA SER D 198 -3.54 -17.68 -50.87
C SER D 198 -3.12 -18.98 -51.55
N ALA D 199 -4.00 -19.53 -52.39
CA ALA D 199 -3.68 -20.78 -53.07
C ALA D 199 -2.51 -20.59 -54.04
N THR D 200 -2.43 -19.42 -54.68
CA THR D 200 -1.26 -19.13 -55.50
C THR D 200 0.01 -19.16 -54.67
N PHE D 201 -0.07 -18.71 -53.41
CA PHE D 201 1.10 -18.72 -52.55
C PHE D 201 1.53 -20.14 -52.20
N TRP D 202 0.56 -21.01 -51.87
CA TRP D 202 0.91 -22.38 -51.53
C TRP D 202 1.40 -23.15 -52.74
N GLN D 203 1.00 -22.74 -53.94
CA GLN D 203 1.37 -23.44 -55.16
C GLN D 203 2.75 -23.04 -55.67
N ASN D 204 3.48 -22.20 -54.96
CA ASN D 204 4.82 -21.82 -55.36
C ASN D 204 5.83 -22.79 -54.75
N PRO D 205 6.57 -23.57 -55.55
CA PRO D 205 7.49 -24.57 -54.97
C PRO D 205 8.68 -23.97 -54.22
N ARG D 206 8.92 -22.66 -54.32
CA ARG D 206 9.96 -21.99 -53.55
C ARG D 206 9.60 -21.76 -52.08
N ASN D 207 8.31 -21.70 -51.74
CA ASN D 207 7.89 -21.29 -50.40
C ASN D 207 8.06 -22.42 -49.39
N HIS D 208 8.75 -22.10 -48.29
CA HIS D 208 8.96 -23.03 -47.19
C HIS D 208 8.04 -22.66 -46.02
N PHE D 209 7.38 -23.65 -45.43
CA PHE D 209 6.40 -23.46 -44.36
C PHE D 209 6.86 -24.24 -43.14
N ARG D 210 6.94 -23.58 -41.99
CA ARG D 210 7.48 -24.22 -40.80
C ARG D 210 6.59 -23.96 -39.60
N CYS D 211 6.07 -25.05 -39.04
CA CYS D 211 5.40 -25.00 -37.74
C CYS D 211 6.43 -25.23 -36.64
N GLN D 212 6.53 -24.27 -35.74
CA GLN D 212 7.44 -24.35 -34.61
C GLN D 212 6.67 -24.40 -33.29
N VAL D 213 7.11 -25.29 -32.40
CA VAL D 213 6.56 -25.44 -31.07
C VAL D 213 7.72 -25.41 -30.09
N GLN D 214 7.80 -24.35 -29.28
CA GLN D 214 8.75 -24.31 -28.17
C GLN D 214 8.10 -24.94 -26.93
N PHE D 215 8.74 -25.97 -26.40
CA PHE D 215 8.26 -26.69 -25.24
C PHE D 215 9.14 -26.39 -24.05
N TYR D 216 8.54 -26.08 -22.90
CA TYR D 216 9.29 -25.87 -21.68
C TYR D 216 9.15 -27.12 -20.81
N GLY D 217 10.27 -27.77 -20.54
CA GLY D 217 10.32 -29.04 -19.86
C GLY D 217 11.40 -29.10 -18.80
N LEU D 218 12.10 -30.23 -18.70
CA LEU D 218 13.09 -30.37 -17.65
C LEU D 218 14.32 -29.53 -17.98
N SER D 219 15.15 -29.36 -16.97
CA SER D 219 16.35 -28.59 -17.14
C SER D 219 17.55 -29.51 -16.94
N GLU D 220 18.74 -28.91 -17.08
CA GLU D 220 20.00 -29.60 -16.81
C GLU D 220 20.05 -30.20 -15.41
N ASN D 221 19.46 -29.52 -14.42
CA ASN D 221 19.61 -29.93 -13.03
C ASN D 221 18.70 -31.07 -12.62
N ASP D 222 17.64 -31.34 -13.38
CA ASP D 222 16.73 -32.40 -13.00
C ASP D 222 17.36 -33.76 -13.25
N GLU D 223 17.03 -34.71 -12.39
CA GLU D 223 17.43 -36.11 -12.58
C GLU D 223 16.57 -36.78 -13.64
N TRP D 224 17.18 -37.72 -14.35
CA TRP D 224 16.47 -38.52 -15.33
C TRP D 224 17.01 -39.94 -15.32
N THR D 225 16.12 -40.91 -15.22
CA THR D 225 16.51 -42.30 -15.25
C THR D 225 15.70 -43.15 -16.23
N GLN D 226 14.67 -42.59 -16.87
CA GLN D 226 13.87 -43.32 -17.84
C GLN D 226 14.65 -43.54 -19.14
N ASP D 227 14.22 -44.56 -19.89
CA ASP D 227 14.88 -44.88 -21.16
C ASP D 227 14.60 -43.83 -22.23
N ARG D 228 13.45 -43.15 -22.14
CA ARG D 228 13.16 -42.05 -23.04
C ARG D 228 14.28 -41.04 -23.01
N ALA D 229 14.41 -40.32 -24.13
CA ALA D 229 15.18 -39.09 -24.11
C ALA D 229 14.64 -38.15 -23.03
N LYS D 230 15.54 -37.51 -22.32
CA LYS D 230 15.14 -36.59 -21.28
C LYS D 230 14.29 -35.49 -21.89
N PRO D 231 13.07 -35.25 -21.40
CA PRO D 231 12.21 -34.23 -22.02
C PRO D 231 12.60 -32.83 -21.58
N VAL D 232 13.78 -32.39 -22.01
CA VAL D 232 14.22 -31.04 -21.70
C VAL D 232 13.40 -30.03 -22.49
N THR D 233 13.39 -28.80 -21.99
CA THR D 233 12.99 -27.65 -22.79
C THR D 233 13.67 -27.70 -24.16
N GLN D 234 12.90 -27.49 -25.22
CA GLN D 234 13.40 -27.72 -26.57
C GLN D 234 12.39 -27.19 -27.57
N ILE D 235 12.84 -27.11 -28.82
CA ILE D 235 12.00 -26.78 -29.97
C ILE D 235 11.78 -28.06 -30.77
N VAL D 236 10.52 -28.30 -31.14
CA VAL D 236 10.17 -29.36 -32.09
C VAL D 236 9.47 -28.67 -33.24
N SER D 237 9.83 -29.03 -34.47
CA SER D 237 9.25 -28.37 -35.63
C SER D 237 8.66 -29.38 -36.59
N ALA D 238 7.84 -28.87 -37.49
CA ALA D 238 7.52 -29.65 -38.68
C ALA D 238 7.41 -28.67 -39.83
N GLU D 239 7.65 -29.17 -41.03
CA GLU D 239 7.82 -28.32 -42.20
C GLU D 239 7.07 -28.91 -43.38
N ALA D 240 6.76 -28.04 -44.34
CA ALA D 240 6.10 -28.43 -45.57
C ALA D 240 6.49 -27.41 -46.61
N TRP D 241 6.88 -27.87 -47.78
CA TRP D 241 7.14 -26.98 -48.90
C TRP D 241 5.91 -26.95 -49.79
N GLY D 242 5.67 -25.79 -50.38
CA GLY D 242 4.64 -25.65 -51.39
C GLY D 242 4.97 -26.38 -52.69
N ARG D 243 3.95 -26.50 -53.52
CA ARG D 243 4.10 -27.23 -54.77
C ARG D 243 3.03 -26.80 -55.76
N ALA D 244 3.44 -26.62 -57.01
CA ALA D 244 2.53 -26.51 -58.15
C ALA D 244 2.34 -27.92 -58.66
N ASP D 245 1.44 -28.65 -58.02
CA ASP D 245 1.40 -30.09 -58.24
C ASP D 245 0.93 -30.41 -59.65
#